data_2UZB
#
_entry.id   2UZB
#
_cell.length_a   151.466
_cell.length_b   163.697
_cell.length_c   73.188
_cell.angle_alpha   90.00
_cell.angle_beta   90.00
_cell.angle_gamma   90.00
#
_symmetry.space_group_name_H-M   'P 21 21 2'
#
loop_
_entity.id
_entity.type
_entity.pdbx_description
1 polymer 'CELL DIVISION PROTEIN KINASE 2'
2 polymer CYCLIN-A2
3 non-polymer 4-{5-[(Z)-(2-IMINO-4-OXO-1,3-THIAZOLIDIN-5-YLIDENE)METHYL]-2-FURYL}-N-METHYLBENZENESULFONAMIDE
4 water water
#
loop_
_entity_poly.entity_id
_entity_poly.type
_entity_poly.pdbx_seq_one_letter_code
_entity_poly.pdbx_strand_id
1 'polypeptide(L)'
;MENFQKVEKIGEGTYGVVYKARNKLTGEVVALKKIRLDTETEGVPSTAIREISLLKELNHPNIVKLLDVIHTENKLYLVF
EFLHQDLKKFMDASALTGIPLPLIKSYLFQLLQGLAFCHSHRVLHRDLKPQNLLINTEGAIKLADFGLARAFGVPVRTY
(TPO)HEVVTLWYRAPEILLGCKYYSTAVDIWSLGCIFAEMVTRRALFPGDSEIDQLFRIFRTLGTPDEVVWPGVTSMPD
YKPSFPKWARQDFSKVVPPLDEDGRSLLSQMLHYDPNKRISAKAALAHPFFQDVTKPVPHLRL
;
A,C
2 'polypeptide(L)'
;VPDYHEDIHTYLREMEVKCKPKVGYMKKQPDITNSMRAILVDWLVEVGEEYKLQNETLHLAVNYIDRFLSSMSVLRGKLQ
LVGTAAMLLASKFEEIYPPEVAEFVYITDDTYTKKQVLRMEHLVLKVLTFDLAAPTVNQFLTQYFLHQQPANCKVESLAM
FLGELSLIDADPYLKYLPSVIAGAAFHLALYTVTGQSWPESLIRKTGYTLESLKPCLMDLHQTYLKAPQHAQQSIREKYK
NSKYHGVSLLNPPETLNL
;
B,D
#
loop_
_chem_comp.id
_chem_comp.type
_chem_comp.name
_chem_comp.formula
C75 non-polymer 4-{5-[(Z)-(2-IMINO-4-OXO-1,3-THIAZOLIDIN-5-YLIDENE)METHYL]-2-FURYL}-N-METHYLBENZENESULFONAMIDE 'C15 H13 N3 O4 S2'
#
# COMPACT_ATOMS: atom_id res chain seq x y z
N MET A 1 10.73 16.32 8.91
CA MET A 1 11.99 16.44 9.74
C MET A 1 11.78 17.07 11.12
N GLU A 2 10.57 17.54 11.40
CA GLU A 2 10.20 18.10 12.71
C GLU A 2 10.38 17.10 13.86
N ASN A 3 10.05 15.83 13.62
CA ASN A 3 10.03 14.81 14.70
C ASN A 3 11.39 14.30 15.14
N PHE A 4 12.43 14.61 14.37
CA PHE A 4 13.80 14.13 14.63
C PHE A 4 14.65 15.11 15.42
N GLN A 5 15.22 14.62 16.52
CA GLN A 5 16.28 15.30 17.25
C GLN A 5 17.58 14.64 16.82
N LYS A 6 18.39 15.33 16.01
CA LYS A 6 19.74 14.87 15.64
C LYS A 6 20.60 14.90 16.90
N VAL A 7 21.30 13.80 17.14
CA VAL A 7 22.01 13.62 18.39
C VAL A 7 23.53 13.85 18.19
N GLU A 8 24.12 13.22 17.16
CA GLU A 8 25.55 13.42 16.80
C GLU A 8 25.77 12.99 15.35
N LYS A 9 26.73 13.63 14.68
CA LYS A 9 27.23 13.16 13.39
C LYS A 9 28.00 11.86 13.61
N ILE A 10 27.74 10.82 12.82
CA ILE A 10 28.51 9.58 12.99
C ILE A 10 29.44 9.17 11.84
N GLY A 11 29.58 10.00 10.81
CA GLY A 11 30.43 9.60 9.70
C GLY A 11 30.14 10.20 8.36
N GLU A 12 30.46 9.47 7.30
CA GLU A 12 30.44 10.03 5.95
C GLU A 12 30.06 9.04 4.81
N GLY A 13 30.47 9.40 3.60
CA GLY A 13 30.02 8.75 2.36
C GLY A 13 30.67 9.51 1.22
N THR A 14 29.85 10.24 0.44
CA THR A 14 30.35 11.14 -0.65
C THR A 14 29.25 12.07 -1.23
N TYR A 15 28.11 11.49 -1.62
CA TYR A 15 26.88 12.27 -1.75
C TYR A 15 26.27 12.55 -0.36
N GLY A 16 26.59 11.67 0.62
CA GLY A 16 25.87 11.55 1.90
C GLY A 16 26.62 11.48 3.22
N VAL A 17 25.93 11.89 4.31
CA VAL A 17 26.45 12.12 5.69
C VAL A 17 25.52 11.49 6.73
N VAL A 18 26.11 10.72 7.64
CA VAL A 18 25.29 9.87 8.52
C VAL A 18 25.11 10.40 9.96
N TYR A 19 23.88 10.30 10.50
CA TYR A 19 23.60 10.77 11.85
C TYR A 19 22.86 9.77 12.66
N LYS A 20 22.95 9.91 13.98
CA LYS A 20 22.07 9.25 14.94
C LYS A 20 20.97 10.22 15.37
N ALA A 21 19.75 9.73 15.42
CA ALA A 21 18.61 10.58 15.64
C ALA A 21 17.66 9.84 16.50
N ARG A 22 16.69 10.59 17.01
CA ARG A 22 15.56 10.01 17.69
C ARG A 22 14.28 10.70 17.32
N ASN A 23 13.22 9.93 17.22
CA ASN A 23 11.87 10.43 17.15
C ASN A 23 11.53 11.11 18.49
N LYS A 24 11.18 12.39 18.43
CA LYS A 24 10.66 13.13 19.57
C LYS A 24 9.26 12.69 20.00
N LEU A 25 8.65 11.80 19.21
CA LEU A 25 7.33 11.23 19.54
C LEU A 25 7.31 9.74 19.94
N THR A 26 7.95 8.85 19.18
CA THR A 26 7.98 7.43 19.61
C THR A 26 9.20 7.06 20.43
N GLY A 27 10.21 7.94 20.41
CA GLY A 27 11.45 7.70 21.17
C GLY A 27 12.52 6.91 20.42
N GLU A 28 12.14 6.46 19.24
CA GLU A 28 12.99 5.59 18.46
C GLU A 28 14.24 6.30 17.95
N VAL A 29 15.38 5.64 18.18
CA VAL A 29 16.68 6.04 17.73
C VAL A 29 16.77 5.51 16.34
N VAL A 30 17.11 6.38 15.40
CA VAL A 30 17.30 5.96 14.02
C VAL A 30 18.67 6.39 13.49
N ALA A 31 18.97 5.97 12.27
CA ALA A 31 20.10 6.52 11.52
C ALA A 31 19.57 7.37 10.35
N LEU A 32 20.01 8.62 10.28
CA LEU A 32 19.67 9.48 9.15
C LEU A 32 20.84 9.68 8.23
N LYS A 33 20.60 9.37 6.97
CA LYS A 33 21.56 9.50 5.89
C LYS A 33 21.09 10.67 5.06
N LYS A 34 21.86 11.76 5.10
CA LYS A 34 21.58 12.96 4.33
C LYS A 34 22.35 12.97 3.03
N ILE A 35 21.67 13.27 1.93
CA ILE A 35 22.32 13.46 0.63
C ILE A 35 21.96 14.88 0.18
N ARG A 36 22.89 15.57 -0.49
CA ARG A 36 22.59 16.92 -1.00
C ARG A 36 22.06 16.84 -2.42
N LEU A 37 20.96 17.53 -2.69
CA LEU A 37 20.42 17.56 -4.04
C LEU A 37 20.74 18.89 -4.74
N ASP A 38 20.94 19.93 -3.92
CA ASP A 38 21.25 21.31 -4.36
C ASP A 38 20.22 21.89 -5.36
N THR A 39 19.15 21.13 -5.58
CA THR A 39 17.89 21.57 -6.19
C THR A 39 17.90 22.31 -7.53
N GLU A 40 18.94 22.12 -8.35
CA GLU A 40 19.05 22.86 -9.63
C GLU A 40 19.78 22.11 -10.75
N THR A 41 20.77 21.30 -10.38
CA THR A 41 21.71 20.75 -11.36
C THR A 41 21.30 19.39 -11.94
N GLU A 42 21.37 18.36 -11.09
CA GLU A 42 21.34 16.96 -11.51
C GLU A 42 20.11 16.18 -11.04
N GLY A 43 19.51 16.66 -9.95
CA GLY A 43 18.28 16.11 -9.39
C GLY A 43 18.62 15.09 -8.33
N VAL A 44 17.93 13.96 -8.38
CA VAL A 44 18.19 12.86 -7.45
C VAL A 44 19.34 12.03 -7.98
N PRO A 45 20.44 11.94 -7.21
CA PRO A 45 21.56 11.07 -7.53
C PRO A 45 21.13 9.63 -7.73
N SER A 46 21.79 8.92 -8.62
CA SER A 46 21.36 7.56 -8.90
C SER A 46 21.77 6.51 -7.85
N THR A 47 22.76 6.84 -7.02
CA THR A 47 23.17 5.95 -5.93
C THR A 47 22.00 5.89 -4.98
N ALA A 48 21.33 7.02 -4.82
CA ALA A 48 20.14 7.14 -3.98
C ALA A 48 18.93 6.45 -4.62
N ILE A 49 18.70 6.70 -5.90
CA ILE A 49 17.63 6.02 -6.60
C ILE A 49 17.90 4.53 -6.47
N ARG A 50 19.14 4.10 -6.74
CA ARG A 50 19.46 2.68 -6.61
C ARG A 50 19.18 2.13 -5.16
N GLU A 51 19.92 2.68 -4.19
CA GLU A 51 19.75 2.34 -2.78
C GLU A 51 18.30 2.19 -2.38
N ILE A 52 17.50 3.24 -2.57
CA ILE A 52 16.13 3.24 -2.06
C ILE A 52 15.35 2.13 -2.76
N SER A 53 15.42 2.07 -4.07
CA SER A 53 14.55 1.10 -4.75
C SER A 53 14.97 -0.34 -4.43
N LEU A 54 16.24 -0.60 -4.17
CA LEU A 54 16.70 -1.95 -3.98
C LEU A 54 16.34 -2.42 -2.59
N LEU A 55 16.68 -1.55 -1.64
CA LEU A 55 16.31 -1.72 -0.23
C LEU A 55 14.82 -2.03 -0.01
N LYS A 56 13.93 -1.28 -0.70
CA LYS A 56 12.45 -1.52 -0.70
C LYS A 56 12.19 -2.99 -0.97
N GLU A 57 12.99 -3.58 -1.82
CA GLU A 57 12.66 -4.90 -2.16
C GLU A 57 13.49 -5.88 -1.31
N LEU A 58 14.42 -5.40 -0.49
CA LEU A 58 15.19 -6.35 0.34
C LEU A 58 15.00 -6.29 1.88
N ASN A 59 13.80 -6.58 2.36
CA ASN A 59 13.59 -6.64 3.81
C ASN A 59 13.94 -8.07 4.29
N HIS A 60 14.89 -8.16 5.22
CA HIS A 60 15.46 -9.42 5.70
C HIS A 60 16.16 -9.05 6.99
N PRO A 61 16.11 -9.96 7.98
CA PRO A 61 16.78 -9.63 9.27
C PRO A 61 18.25 -9.19 9.12
N ASN A 62 18.99 -9.76 8.19
CA ASN A 62 20.42 -9.43 8.05
C ASN A 62 20.83 -8.28 7.13
N ILE A 63 19.94 -7.31 6.93
CA ILE A 63 20.10 -6.21 5.98
C ILE A 63 19.44 -5.01 6.62
N VAL A 64 20.14 -3.88 6.72
CA VAL A 64 19.48 -2.68 7.27
C VAL A 64 18.04 -2.56 6.76
N LYS A 65 17.15 -2.21 7.67
CA LYS A 65 15.77 -1.95 7.37
C LYS A 65 15.65 -0.49 7.07
N LEU A 66 15.17 -0.18 5.88
CA LEU A 66 14.76 1.16 5.54
C LEU A 66 13.40 1.48 6.18
N LEU A 67 13.37 2.60 6.88
CA LEU A 67 12.22 3.01 7.68
C LEU A 67 11.40 4.08 6.98
N ASP A 68 12.08 4.94 6.22
CA ASP A 68 11.46 6.16 5.74
C ASP A 68 12.36 6.92 4.75
N VAL A 69 11.74 7.65 3.84
CA VAL A 69 12.44 8.65 3.04
C VAL A 69 11.72 9.96 3.28
N ILE A 70 12.48 11.02 3.47
CA ILE A 70 11.91 12.35 3.58
C ILE A 70 12.52 13.25 2.50
N HIS A 71 11.67 13.85 1.67
CA HIS A 71 12.14 14.40 0.42
C HIS A 71 11.99 15.92 0.41
N THR A 72 12.68 16.58 1.35
CA THR A 72 12.70 18.06 1.49
C THR A 72 13.28 18.87 0.28
N GLU A 73 12.82 18.54 -0.93
CA GLU A 73 13.06 19.33 -2.14
C GLU A 73 14.54 19.50 -2.52
N ASN A 74 15.42 19.60 -1.52
CA ASN A 74 16.86 19.93 -1.78
C ASN A 74 17.89 19.30 -0.81
N LYS A 75 17.36 18.71 0.24
CA LYS A 75 18.06 17.65 0.92
C LYS A 75 17.12 16.44 0.81
N LEU A 76 17.72 15.27 0.81
CA LEU A 76 17.01 14.01 0.89
C LEU A 76 17.56 13.23 2.09
N TYR A 77 16.72 12.91 3.06
CA TYR A 77 17.17 12.04 4.16
C TYR A 77 16.64 10.64 4.03
N LEU A 78 17.47 9.67 4.32
CA LEU A 78 16.97 8.31 4.52
C LEU A 78 17.01 7.92 6.02
N VAL A 79 15.92 7.37 6.53
CA VAL A 79 15.80 6.87 7.91
C VAL A 79 16.00 5.36 7.95
N PHE A 80 17.11 4.92 8.57
CA PHE A 80 17.39 3.52 8.77
C PHE A 80 17.23 3.12 10.26
N GLU A 81 17.02 1.84 10.51
CA GLU A 81 17.22 1.35 11.87
C GLU A 81 18.61 1.80 12.34
N PHE A 82 18.74 2.09 13.63
CA PHE A 82 20.07 2.39 14.17
C PHE A 82 20.67 1.15 14.80
N LEU A 83 21.71 0.63 14.19
CA LEU A 83 22.54 -0.37 14.82
C LEU A 83 23.75 0.35 15.43
N HIS A 84 24.42 -0.35 16.32
CA HIS A 84 25.23 0.29 17.36
C HIS A 84 26.63 0.73 16.92
N GLN A 85 27.33 -0.11 16.17
CA GLN A 85 28.54 0.30 15.43
C GLN A 85 28.83 -0.58 14.19
N ASP A 86 29.77 -0.14 13.37
CA ASP A 86 30.09 -0.90 12.16
C ASP A 86 31.19 -1.91 12.49
N LEU A 87 31.38 -2.91 11.60
CA LEU A 87 32.40 -3.89 11.83
C LEU A 87 33.87 -3.37 11.86
N LYS A 88 34.19 -2.29 11.17
CA LYS A 88 35.57 -1.87 11.24
C LYS A 88 35.96 -1.38 12.64
N LYS A 89 35.09 -0.57 13.23
CA LYS A 89 35.28 0.02 14.55
C LYS A 89 35.36 -1.06 15.62
N PHE A 90 34.53 -2.08 15.45
CA PHE A 90 34.56 -3.28 16.26
C PHE A 90 35.89 -3.97 16.08
N MET A 91 36.33 -4.12 14.83
CA MET A 91 37.59 -4.81 14.60
C MET A 91 38.71 -4.06 15.23
N ASP A 92 38.66 -2.72 15.19
CA ASP A 92 39.69 -1.91 15.85
C ASP A 92 39.67 -2.00 17.36
N ALA A 93 38.50 -2.25 17.94
CA ALA A 93 38.36 -2.40 19.38
C ALA A 93 39.12 -3.61 19.91
N SER A 94 39.14 -4.66 19.08
CA SER A 94 39.41 -6.01 19.53
C SER A 94 40.57 -6.72 18.87
N ALA A 95 41.12 -6.11 17.81
CA ALA A 95 42.24 -6.67 17.03
C ALA A 95 43.42 -7.15 17.86
N LEU A 96 43.50 -6.73 19.13
CA LEU A 96 44.54 -7.19 20.05
C LEU A 96 44.04 -8.38 20.90
N THR A 97 42.79 -8.29 21.39
CA THR A 97 42.14 -9.38 22.13
C THR A 97 41.80 -10.61 21.25
N GLY A 98 41.72 -10.41 19.94
CA GLY A 98 41.05 -11.38 19.06
C GLY A 98 39.52 -11.21 19.11
N ILE A 99 38.85 -11.54 18.02
CA ILE A 99 37.40 -11.73 18.03
C ILE A 99 37.12 -13.25 18.21
N PRO A 100 36.40 -13.65 19.27
CA PRO A 100 36.17 -15.09 19.47
C PRO A 100 35.64 -15.82 18.23
N LEU A 101 36.07 -17.06 18.04
CA LEU A 101 35.69 -17.84 16.88
C LEU A 101 34.20 -18.09 16.76
N PRO A 102 33.54 -18.42 17.88
CA PRO A 102 32.06 -18.51 17.81
C PRO A 102 31.37 -17.27 17.25
N LEU A 103 31.87 -16.08 17.57
CA LEU A 103 31.25 -14.85 17.07
C LEU A 103 31.51 -14.74 15.57
N ILE A 104 32.71 -15.10 15.14
CA ILE A 104 33.06 -15.03 13.74
C ILE A 104 32.19 -15.98 12.97
N LYS A 105 32.22 -17.24 13.34
CA LYS A 105 31.33 -18.22 12.73
C LYS A 105 29.89 -17.71 12.63
N SER A 106 29.48 -16.83 13.52
CA SER A 106 28.09 -16.37 13.63
C SER A 106 27.87 -15.17 12.74
N TYR A 107 28.85 -14.28 12.70
CA TYR A 107 28.73 -13.14 11.82
C TYR A 107 28.74 -13.59 10.39
N LEU A 108 29.56 -14.57 10.10
CA LEU A 108 29.71 -15.03 8.72
C LEU A 108 28.42 -15.77 8.28
N PHE A 109 27.80 -16.51 9.18
CA PHE A 109 26.66 -17.30 8.81
C PHE A 109 25.58 -16.29 8.36
N GLN A 110 25.56 -15.16 9.07
CA GLN A 110 24.52 -14.15 8.92
C GLN A 110 24.73 -13.26 7.75
N LEU A 111 25.96 -13.16 7.29
CA LEU A 111 26.25 -12.38 6.11
C LEU A 111 25.96 -13.27 4.93
N LEU A 112 26.32 -14.52 5.03
CA LEU A 112 25.86 -15.46 4.06
C LEU A 112 24.32 -15.55 3.99
N GLN A 113 23.64 -15.22 5.10
CA GLN A 113 22.18 -15.27 5.09
C GLN A 113 21.65 -14.18 4.17
N GLY A 114 21.96 -12.94 4.55
CA GLY A 114 21.47 -11.76 3.89
C GLY A 114 22.05 -11.51 2.53
N LEU A 115 23.31 -11.80 2.35
CA LEU A 115 23.82 -11.85 1.01
C LEU A 115 23.10 -12.90 0.07
N ALA A 116 22.77 -14.12 0.53
CA ALA A 116 22.03 -15.07 -0.37
C ALA A 116 20.63 -14.56 -0.73
N PHE A 117 20.00 -13.79 0.18
CA PHE A 117 18.71 -13.16 -0.07
C PHE A 117 18.89 -12.22 -1.28
N CYS A 118 19.83 -11.26 -1.16
CA CYS A 118 20.18 -10.40 -2.30
C CYS A 118 20.29 -11.19 -3.62
N HIS A 119 21.16 -12.17 -3.63
CA HIS A 119 21.52 -12.78 -4.87
C HIS A 119 20.26 -13.47 -5.44
N SER A 120 19.32 -13.80 -4.56
CA SER A 120 18.08 -14.44 -4.99
C SER A 120 17.06 -13.43 -5.49
N HIS A 121 17.32 -12.12 -5.24
CA HIS A 121 16.50 -11.00 -5.65
C HIS A 121 17.28 -10.13 -6.62
N ARG A 122 18.16 -10.81 -7.34
CA ARG A 122 18.96 -10.22 -8.41
C ARG A 122 19.61 -8.86 -8.03
N VAL A 123 19.99 -8.73 -6.78
CA VAL A 123 20.87 -7.57 -6.37
C VAL A 123 22.30 -7.98 -6.10
N LEU A 124 23.26 -7.31 -6.72
CA LEU A 124 24.65 -7.34 -6.27
C LEU A 124 24.92 -6.18 -5.30
N HIS A 125 25.61 -6.46 -4.21
CA HIS A 125 25.96 -5.37 -3.32
C HIS A 125 27.08 -4.46 -3.84
N ARG A 126 28.20 -5.09 -4.17
CA ARG A 126 29.41 -4.46 -4.75
C ARG A 126 30.27 -3.54 -3.87
N ASP A 127 30.05 -3.50 -2.58
CA ASP A 127 30.94 -2.71 -1.75
C ASP A 127 30.95 -3.22 -0.31
N LEU A 128 31.19 -4.52 -0.16
CA LEU A 128 31.30 -5.13 1.16
C LEU A 128 32.65 -4.81 1.70
N LYS A 129 32.64 -4.40 2.94
CA LYS A 129 33.86 -4.11 3.63
C LYS A 129 33.34 -3.83 4.97
N PRO A 130 34.20 -3.99 5.97
CA PRO A 130 33.67 -3.83 7.32
C PRO A 130 33.06 -2.48 7.65
N GLN A 131 33.43 -1.36 7.01
CA GLN A 131 32.79 -0.09 7.42
C GLN A 131 31.32 -0.02 6.98
N ASN A 132 30.97 -0.91 6.06
CA ASN A 132 29.61 -1.05 5.60
C ASN A 132 28.82 -2.10 6.31
N LEU A 133 29.45 -2.79 7.25
CA LEU A 133 28.79 -3.87 7.96
C LEU A 133 28.37 -3.48 9.34
N LEU A 134 27.10 -3.55 9.67
CA LEU A 134 26.68 -3.12 11.01
C LEU A 134 26.30 -4.24 12.03
N ILE A 135 26.64 -3.95 13.31
CA ILE A 135 26.45 -4.88 14.43
C ILE A 135 25.63 -4.29 15.59
N ASN A 136 24.79 -5.11 16.18
CA ASN A 136 23.99 -4.70 17.34
C ASN A 136 24.32 -5.51 18.60
N THR A 137 23.86 -5.02 19.74
CA THR A 137 24.38 -5.46 21.02
C THR A 137 23.86 -6.87 21.29
N GLU A 138 22.80 -7.24 20.63
CA GLU A 138 22.27 -8.56 20.85
C GLU A 138 22.89 -9.70 19.98
N GLY A 139 23.96 -9.45 19.26
CA GLY A 139 24.55 -10.49 18.42
C GLY A 139 24.30 -10.48 16.90
N ALA A 140 23.57 -9.49 16.41
CA ALA A 140 23.18 -9.48 14.99
C ALA A 140 24.19 -8.77 14.11
N ILE A 141 24.23 -9.22 12.86
CA ILE A 141 24.99 -8.50 11.82
C ILE A 141 24.17 -8.23 10.54
N LYS A 142 24.27 -7.01 10.00
CA LYS A 142 23.42 -6.64 8.86
C LYS A 142 24.24 -5.98 7.78
N LEU A 143 24.04 -6.36 6.50
CA LEU A 143 24.69 -5.64 5.38
C LEU A 143 24.01 -4.31 5.27
N ALA A 144 24.79 -3.25 5.14
CA ALA A 144 24.28 -1.90 4.87
C ALA A 144 24.96 -1.19 3.70
N ASP A 145 24.55 0.06 3.45
CA ASP A 145 25.09 0.95 2.35
C ASP A 145 25.00 0.37 0.96
N PHE A 146 23.87 0.61 0.33
CA PHE A 146 23.51 0.00 -0.94
C PHE A 146 23.60 0.96 -2.08
N GLY A 147 24.27 2.06 -1.84
CA GLY A 147 24.40 3.05 -2.87
C GLY A 147 25.10 2.53 -4.08
N LEU A 148 26.00 1.55 -3.89
CA LEU A 148 26.81 1.07 -5.02
C LEU A 148 26.36 -0.24 -5.65
N ALA A 149 25.20 -0.70 -5.18
CA ALA A 149 24.59 -1.93 -5.53
C ALA A 149 23.87 -1.84 -6.86
N ARG A 150 23.52 -2.97 -7.45
CA ARG A 150 22.77 -2.89 -8.68
C ARG A 150 21.96 -4.17 -8.96
N ALA A 151 20.76 -4.01 -9.51
CA ALA A 151 19.92 -5.14 -10.00
C ALA A 151 20.56 -5.72 -11.21
N PHE A 152 20.84 -7.00 -11.15
CA PHE A 152 21.39 -7.65 -12.32
C PHE A 152 20.37 -8.49 -13.09
N GLY A 153 20.83 -9.13 -14.16
CA GLY A 153 20.02 -9.91 -15.12
C GLY A 153 20.57 -11.30 -15.29
N VAL A 154 19.76 -12.18 -15.85
CA VAL A 154 20.25 -13.50 -16.16
C VAL A 154 20.17 -13.79 -17.66
N PRO A 155 21.31 -14.00 -18.31
CA PRO A 155 22.69 -13.88 -17.81
C PRO A 155 23.07 -12.40 -17.66
N VAL A 156 24.27 -12.07 -17.16
CA VAL A 156 24.62 -10.66 -16.97
C VAL A 156 25.01 -9.89 -18.23
N ARG A 157 24.94 -8.57 -18.14
CA ARG A 157 25.31 -7.72 -19.26
C ARG A 157 26.17 -6.49 -18.92
N THR A 158 27.38 -6.70 -18.42
CA THR A 158 28.38 -5.61 -18.39
C THR A 158 28.01 -4.37 -17.60
N TYR A 159 28.29 -4.44 -16.32
CA TYR A 159 27.93 -3.36 -15.43
C TYR A 159 29.14 -2.47 -15.26
N TPO A 160 29.11 -1.61 -14.25
CA TPO A 160 30.18 -0.64 -14.00
CB TPO A 160 29.78 0.35 -12.88
CG2 TPO A 160 30.82 1.43 -12.54
OG1 TPO A 160 28.64 1.07 -13.33
P TPO A 160 27.27 0.89 -12.57
O1P TPO A 160 26.16 1.85 -13.21
O2P TPO A 160 26.76 -0.63 -12.71
O3P TPO A 160 27.51 1.27 -11.02
C TPO A 160 31.46 -1.40 -13.74
O TPO A 160 31.52 -2.33 -12.91
N HIS A 161 32.49 -1.02 -14.49
CA HIS A 161 33.84 -1.60 -14.30
C HIS A 161 34.45 -1.15 -12.98
N GLU A 162 34.29 0.14 -12.68
CA GLU A 162 34.98 0.80 -11.58
C GLU A 162 34.33 0.38 -10.23
N VAL A 163 34.71 -0.80 -9.69
CA VAL A 163 33.80 -1.48 -8.71
C VAL A 163 34.38 -2.36 -7.56
N VAL A 164 33.81 -2.25 -6.34
CA VAL A 164 34.36 -2.81 -5.09
C VAL A 164 35.63 -2.08 -4.58
N THR A 165 35.64 -1.69 -3.31
CA THR A 165 36.65 -0.76 -2.65
C THR A 165 38.19 -0.76 -3.03
N LEU A 166 38.88 -1.88 -2.79
CA LEU A 166 40.05 -2.29 -3.61
C LEU A 166 40.59 -3.54 -2.96
N TRP A 167 40.67 -3.48 -1.64
CA TRP A 167 41.27 -4.51 -0.86
C TRP A 167 40.33 -5.68 -0.95
N TYR A 168 39.17 -5.47 -1.57
CA TYR A 168 38.11 -6.41 -1.45
C TYR A 168 37.67 -6.86 -2.83
N ARG A 169 38.35 -6.31 -3.82
CA ARG A 169 37.92 -6.44 -5.20
C ARG A 169 38.45 -7.72 -5.76
N ALA A 170 37.57 -8.48 -6.39
CA ALA A 170 37.91 -9.79 -6.91
C ALA A 170 38.86 -9.68 -8.11
N PRO A 171 39.67 -10.72 -8.32
CA PRO A 171 40.61 -10.75 -9.38
C PRO A 171 39.94 -10.55 -10.70
N GLU A 172 38.74 -11.07 -10.90
CA GLU A 172 38.14 -10.89 -12.23
C GLU A 172 37.88 -9.38 -12.58
N ILE A 173 37.63 -8.54 -11.59
CA ILE A 173 37.54 -7.07 -11.88
C ILE A 173 38.95 -6.49 -12.08
N LEU A 174 39.88 -6.93 -11.25
CA LEU A 174 41.26 -6.52 -11.34
C LEU A 174 41.81 -6.77 -12.72
N LEU A 175 41.46 -7.94 -13.27
CA LEU A 175 41.93 -8.38 -14.58
C LEU A 175 41.03 -7.86 -15.74
N GLY A 176 39.97 -7.14 -15.43
CA GLY A 176 39.19 -6.48 -16.47
C GLY A 176 38.37 -7.41 -17.32
N CYS A 177 37.83 -8.47 -16.74
CA CYS A 177 36.74 -9.20 -17.34
C CYS A 177 35.56 -8.30 -17.75
N LYS A 178 34.77 -8.78 -18.72
CA LYS A 178 33.59 -8.01 -19.21
C LYS A 178 32.32 -8.37 -18.45
N TYR A 179 32.33 -9.52 -17.80
CA TYR A 179 31.16 -10.00 -17.11
C TYR A 179 31.58 -10.34 -15.73
N TYR A 180 30.67 -10.19 -14.78
CA TYR A 180 30.94 -10.53 -13.41
C TYR A 180 29.60 -10.52 -12.72
N SER A 181 29.36 -11.58 -11.98
CA SER A 181 28.10 -11.75 -11.33
C SER A 181 28.33 -11.79 -9.84
N THR A 182 27.56 -12.65 -9.19
CA THR A 182 27.42 -12.78 -7.76
C THR A 182 28.69 -13.25 -7.09
N ALA A 183 29.70 -13.68 -7.82
CA ALA A 183 30.93 -14.08 -7.16
C ALA A 183 31.73 -12.92 -6.48
N VAL A 184 31.64 -11.73 -7.05
CA VAL A 184 32.32 -10.56 -6.51
C VAL A 184 31.94 -10.21 -5.06
N ASP A 185 30.69 -10.42 -4.70
CA ASP A 185 30.32 -10.24 -3.29
C ASP A 185 30.92 -11.36 -2.43
N ILE A 186 30.97 -12.58 -2.96
CA ILE A 186 31.68 -13.63 -2.25
C ILE A 186 33.18 -13.35 -1.97
N TRP A 187 33.89 -12.85 -2.95
CA TRP A 187 35.30 -12.64 -2.77
C TRP A 187 35.49 -11.77 -1.57
N SER A 188 34.73 -10.67 -1.56
CA SER A 188 34.72 -9.70 -0.53
C SER A 188 34.47 -10.30 0.83
N LEU A 189 33.49 -11.17 0.90
CA LEU A 189 33.19 -11.86 2.12
C LEU A 189 34.36 -12.71 2.58
N GLY A 190 35.22 -13.14 1.65
CA GLY A 190 36.31 -14.03 2.03
C GLY A 190 37.34 -13.22 2.76
N CYS A 191 37.79 -12.17 2.09
CA CYS A 191 38.52 -11.10 2.70
C CYS A 191 37.96 -10.68 4.03
N ILE A 192 36.63 -10.65 4.13
CA ILE A 192 36.02 -10.25 5.37
C ILE A 192 36.26 -11.27 6.44
N PHE A 193 35.91 -12.51 6.12
CA PHE A 193 36.02 -13.65 7.00
C PHE A 193 37.45 -13.72 7.46
N ALA A 194 38.40 -13.55 6.52
CA ALA A 194 39.84 -13.58 6.87
C ALA A 194 40.28 -12.45 7.82
N GLU A 195 39.79 -11.23 7.56
CA GLU A 195 40.20 -10.06 8.32
C GLU A 195 39.71 -10.11 9.78
N MET A 196 38.57 -10.76 10.01
CA MET A 196 38.10 -10.94 11.36
C MET A 196 39.02 -11.91 12.13
N VAL A 197 39.43 -13.00 11.46
CA VAL A 197 40.28 -14.03 12.04
C VAL A 197 41.67 -13.47 12.46
N THR A 198 42.39 -12.86 11.52
CA THR A 198 43.78 -12.42 11.75
C THR A 198 43.86 -10.97 12.19
N ARG A 199 42.83 -10.18 11.88
CA ARG A 199 42.81 -8.83 12.38
C ARG A 199 43.72 -7.87 11.56
N ARG A 200 44.54 -8.41 10.64
CA ARG A 200 45.12 -7.64 9.53
C ARG A 200 44.16 -7.77 8.32
N ALA A 201 44.17 -6.83 7.38
CA ALA A 201 43.44 -7.03 6.10
C ALA A 201 44.11 -8.08 5.29
N LEU A 202 43.33 -8.96 4.65
CA LEU A 202 43.89 -10.08 3.87
C LEU A 202 44.78 -9.60 2.75
N PHE A 203 44.41 -8.51 2.06
CA PHE A 203 45.10 -8.01 0.86
C PHE A 203 45.19 -6.47 0.80
N PRO A 204 46.13 -5.84 1.54
CA PRO A 204 46.12 -4.37 1.55
C PRO A 204 46.95 -3.69 0.44
N GLY A 205 46.60 -3.90 -0.83
CA GLY A 205 47.34 -3.28 -1.92
C GLY A 205 47.13 -1.78 -1.99
N ASP A 206 48.08 -1.09 -2.63
CA ASP A 206 48.06 0.38 -2.78
C ASP A 206 47.85 0.88 -4.24
N SER A 207 47.87 -0.06 -5.21
CA SER A 207 47.45 0.19 -6.60
C SER A 207 46.74 -1.08 -7.06
N GLU A 208 46.21 -1.08 -8.29
CA GLU A 208 45.56 -2.28 -8.83
C GLU A 208 46.58 -3.38 -9.03
N ILE A 209 47.81 -3.07 -9.45
CA ILE A 209 48.70 -4.20 -9.72
C ILE A 209 49.25 -4.75 -8.39
N ASP A 210 49.52 -3.85 -7.45
CA ASP A 210 49.86 -4.22 -6.09
C ASP A 210 48.81 -5.17 -5.53
N GLN A 211 47.55 -4.73 -5.57
CA GLN A 211 46.41 -5.57 -5.24
C GLN A 211 46.50 -6.97 -5.83
N LEU A 212 46.78 -7.04 -7.13
CA LEU A 212 46.89 -8.33 -7.83
C LEU A 212 48.03 -9.21 -7.33
N PHE A 213 49.23 -8.64 -7.23
CA PHE A 213 50.38 -9.37 -6.78
C PHE A 213 50.22 -9.94 -5.36
N ARG A 214 49.51 -9.20 -4.50
CA ARG A 214 49.23 -9.65 -3.13
C ARG A 214 48.30 -10.85 -3.13
N ILE A 215 47.32 -10.79 -4.00
CA ILE A 215 46.52 -11.98 -4.25
C ILE A 215 47.42 -13.09 -4.78
N PHE A 216 48.25 -12.80 -5.78
CA PHE A 216 49.07 -13.85 -6.41
C PHE A 216 50.05 -14.51 -5.40
N ARG A 217 50.81 -13.68 -4.68
CA ARG A 217 51.70 -14.20 -3.63
C ARG A 217 50.96 -15.11 -2.66
N THR A 218 49.70 -14.82 -2.36
CA THR A 218 49.05 -15.60 -1.33
C THR A 218 48.37 -16.84 -1.87
N LEU A 219 47.78 -16.76 -3.06
CA LEU A 219 46.98 -17.88 -3.52
C LEU A 219 47.59 -18.59 -4.69
N GLY A 220 48.79 -18.14 -5.09
CA GLY A 220 49.52 -18.74 -6.19
C GLY A 220 49.05 -18.08 -7.44
N THR A 221 49.94 -17.82 -8.40
CA THR A 221 49.57 -17.13 -9.65
C THR A 221 48.79 -18.10 -10.50
N PRO A 222 47.62 -17.69 -10.98
CA PRO A 222 46.70 -18.61 -11.69
C PRO A 222 47.09 -18.92 -13.11
N ASP A 223 46.67 -20.10 -13.57
CA ASP A 223 47.00 -20.58 -14.93
C ASP A 223 45.75 -21.16 -15.59
N GLU A 224 45.89 -21.68 -16.81
CA GLU A 224 44.76 -22.31 -17.49
C GLU A 224 44.17 -23.55 -16.80
N VAL A 225 44.92 -24.16 -15.88
CA VAL A 225 44.48 -25.39 -15.18
C VAL A 225 43.48 -25.07 -14.07
N VAL A 226 43.82 -24.07 -13.24
CA VAL A 226 43.04 -23.64 -12.08
C VAL A 226 41.93 -22.61 -12.43
N TRP A 227 41.94 -22.08 -13.67
CA TRP A 227 41.06 -20.98 -14.10
C TRP A 227 41.03 -20.89 -15.64
N PRO A 228 40.24 -21.75 -16.29
CA PRO A 228 40.29 -21.72 -17.76
C PRO A 228 39.93 -20.33 -18.27
N GLY A 229 40.77 -19.76 -19.11
CA GLY A 229 40.43 -18.42 -19.64
C GLY A 229 41.26 -17.22 -19.21
N VAL A 230 41.92 -17.30 -18.05
CA VAL A 230 42.78 -16.21 -17.53
C VAL A 230 43.71 -15.66 -18.59
N THR A 231 44.42 -16.56 -19.27
CA THR A 231 45.53 -16.16 -20.16
C THR A 231 45.12 -15.17 -21.24
N SER A 232 43.81 -15.09 -21.51
CA SER A 232 43.27 -14.22 -22.56
C SER A 232 42.39 -13.07 -22.06
N MET A 233 42.27 -12.90 -20.75
CA MET A 233 41.60 -11.72 -20.16
C MET A 233 42.37 -10.42 -20.48
N PRO A 234 41.66 -9.29 -20.66
CA PRO A 234 42.20 -8.01 -21.11
C PRO A 234 43.45 -7.53 -20.37
N ASP A 235 43.52 -7.79 -19.07
CA ASP A 235 44.60 -7.18 -18.28
C ASP A 235 45.60 -8.16 -17.84
N TYR A 236 45.43 -9.40 -18.29
CA TYR A 236 46.40 -10.42 -18.00
C TYR A 236 47.70 -10.13 -18.72
N LYS A 237 48.83 -10.30 -18.03
CA LYS A 237 50.10 -10.24 -18.72
C LYS A 237 50.94 -11.47 -18.38
N PRO A 238 51.42 -12.20 -19.40
CA PRO A 238 52.25 -13.44 -19.26
C PRO A 238 53.54 -13.24 -18.47
N SER A 239 53.88 -11.98 -18.25
CA SER A 239 55.02 -11.59 -17.48
C SER A 239 54.75 -11.49 -15.96
N PHE A 240 53.54 -11.84 -15.54
CA PHE A 240 53.25 -11.92 -14.10
C PHE A 240 54.23 -12.90 -13.45
N PRO A 241 54.87 -12.44 -12.37
CA PRO A 241 55.69 -13.37 -11.60
C PRO A 241 54.89 -14.62 -11.33
N LYS A 242 55.51 -15.78 -11.35
CA LYS A 242 54.80 -17.00 -10.96
C LYS A 242 55.13 -17.39 -9.52
N TRP A 243 54.22 -17.06 -8.59
CA TRP A 243 54.35 -17.49 -7.19
C TRP A 243 53.61 -18.81 -6.90
N ALA A 244 53.98 -19.47 -5.81
CA ALA A 244 53.24 -20.64 -5.41
C ALA A 244 52.21 -20.25 -4.35
N ARG A 245 51.24 -21.14 -4.17
CA ARG A 245 50.16 -21.01 -3.20
C ARG A 245 50.70 -21.21 -1.81
N GLN A 246 50.44 -20.26 -0.91
CA GLN A 246 50.78 -20.47 0.49
C GLN A 246 49.90 -21.53 1.15
N ASP A 247 50.25 -21.94 2.36
CA ASP A 247 49.40 -22.85 3.10
C ASP A 247 48.55 -22.10 4.09
N PHE A 248 47.26 -22.40 4.11
CA PHE A 248 46.33 -21.53 4.82
C PHE A 248 46.48 -21.46 6.32
N SER A 249 47.07 -22.50 6.91
CA SER A 249 47.41 -22.46 8.34
C SER A 249 48.43 -21.35 8.58
N LYS A 250 49.19 -21.04 7.52
CA LYS A 250 50.10 -19.89 7.53
C LYS A 250 49.33 -18.58 7.29
N VAL A 251 48.34 -18.58 6.40
CA VAL A 251 47.58 -17.34 6.10
C VAL A 251 46.57 -16.95 7.18
N VAL A 252 45.82 -17.95 7.66
CA VAL A 252 44.89 -17.76 8.77
C VAL A 252 45.17 -18.79 9.87
N PRO A 253 46.25 -18.54 10.66
CA PRO A 253 46.66 -19.46 11.73
C PRO A 253 45.54 -19.91 12.67
N PRO A 254 44.74 -18.96 13.24
CA PRO A 254 43.72 -19.41 14.20
C PRO A 254 42.54 -20.22 13.65
N LEU A 255 42.53 -20.54 12.36
CA LEU A 255 41.31 -21.12 11.81
C LEU A 255 41.34 -22.64 11.62
N ASP A 256 40.34 -23.32 12.19
CA ASP A 256 40.24 -24.79 12.18
C ASP A 256 40.01 -25.30 10.78
N GLU A 257 40.02 -26.62 10.61
CA GLU A 257 40.07 -27.22 9.28
C GLU A 257 38.85 -26.92 8.39
N ASP A 258 37.65 -27.04 8.95
CA ASP A 258 36.41 -26.81 8.19
C ASP A 258 36.36 -25.37 7.67
N GLY A 259 36.79 -24.44 8.52
CA GLY A 259 36.93 -23.04 8.18
C GLY A 259 37.82 -22.72 6.99
N ARG A 260 39.10 -23.08 7.05
CA ARG A 260 40.05 -22.87 5.95
C ARG A 260 39.52 -23.44 4.61
N SER A 261 38.88 -24.59 4.69
CA SER A 261 38.19 -25.17 3.54
C SER A 261 37.16 -24.21 2.93
N LEU A 262 36.24 -23.72 3.76
CA LEU A 262 35.27 -22.79 3.27
C LEU A 262 35.90 -21.49 2.75
N LEU A 263 36.76 -20.84 3.54
CA LEU A 263 37.45 -19.61 3.12
C LEU A 263 38.11 -19.83 1.80
N SER A 264 38.48 -21.08 1.59
CA SER A 264 39.23 -21.47 0.45
C SER A 264 38.33 -21.59 -0.74
N GLN A 265 37.07 -21.92 -0.51
CA GLN A 265 36.17 -22.13 -1.62
C GLN A 265 35.57 -20.81 -1.89
N MET A 266 35.65 -19.94 -0.89
CA MET A 266 35.24 -18.59 -1.08
C MET A 266 36.26 -17.89 -1.94
N LEU A 267 37.53 -18.27 -1.86
CA LEU A 267 38.54 -17.50 -2.58
C LEU A 267 39.01 -18.10 -3.87
N HIS A 268 38.28 -19.09 -4.37
CA HIS A 268 38.63 -19.75 -5.61
C HIS A 268 38.82 -18.73 -6.73
N TYR A 269 39.82 -18.90 -7.61
CA TYR A 269 40.00 -17.89 -8.68
C TYR A 269 38.81 -17.84 -9.69
N ASP A 270 38.30 -19.03 -10.04
CA ASP A 270 37.26 -19.18 -11.07
C ASP A 270 35.87 -18.72 -10.61
N PRO A 271 35.38 -17.60 -11.17
CA PRO A 271 34.08 -17.19 -10.61
C PRO A 271 33.03 -18.28 -10.75
N ASN A 272 33.08 -19.11 -11.78
CA ASN A 272 32.15 -20.24 -11.95
C ASN A 272 32.32 -21.43 -10.99
N LYS A 273 33.39 -21.47 -10.21
CA LYS A 273 33.58 -22.56 -9.25
C LYS A 273 33.54 -22.02 -7.82
N ARG A 274 33.68 -20.69 -7.69
CA ARG A 274 33.58 -20.00 -6.42
C ARG A 274 32.20 -20.27 -5.75
N ILE A 275 32.23 -20.68 -4.51
CA ILE A 275 31.02 -21.14 -3.87
C ILE A 275 30.01 -19.98 -3.77
N SER A 276 28.75 -20.25 -4.10
CA SER A 276 27.69 -19.25 -3.98
C SER A 276 27.45 -19.04 -2.49
N ALA A 277 26.75 -17.98 -2.13
CA ALA A 277 26.26 -17.85 -0.77
C ALA A 277 25.33 -19.02 -0.31
N LYS A 278 24.43 -19.52 -1.14
CA LYS A 278 23.48 -20.54 -0.65
C LYS A 278 24.18 -21.87 -0.32
N ALA A 279 25.17 -22.27 -1.11
CA ALA A 279 25.91 -23.50 -0.85
C ALA A 279 26.86 -23.37 0.34
N ALA A 280 27.37 -22.15 0.52
CA ALA A 280 28.26 -21.74 1.60
C ALA A 280 27.56 -21.88 2.91
N LEU A 281 26.24 -21.90 2.84
CA LEU A 281 25.45 -21.99 4.06
C LEU A 281 25.42 -23.40 4.60
N ALA A 282 25.44 -24.39 3.69
CA ALA A 282 25.28 -25.80 4.06
C ALA A 282 26.66 -26.45 4.24
N HIS A 283 27.65 -25.60 4.45
CA HIS A 283 29.01 -26.07 4.62
C HIS A 283 29.27 -26.60 6.04
N PRO A 284 30.07 -27.70 6.17
CA PRO A 284 30.47 -28.24 7.47
C PRO A 284 30.85 -27.20 8.52
N PHE A 285 31.54 -26.14 8.12
CA PHE A 285 31.88 -25.03 9.04
C PHE A 285 30.71 -24.71 9.95
N PHE A 286 29.51 -24.99 9.47
CA PHE A 286 28.30 -24.56 10.14
C PHE A 286 27.52 -25.70 10.84
N GLN A 287 28.22 -26.76 11.24
CA GLN A 287 27.64 -27.86 12.07
C GLN A 287 26.82 -27.29 13.25
N ASP A 288 27.51 -26.74 14.24
CA ASP A 288 26.83 -26.08 15.36
C ASP A 288 27.21 -24.58 15.55
N VAL A 289 26.37 -23.73 14.98
CA VAL A 289 26.56 -22.29 14.96
C VAL A 289 25.64 -21.69 16.03
N THR A 290 26.16 -20.75 16.81
CA THR A 290 25.37 -20.11 17.90
C THR A 290 25.09 -18.65 17.54
N LYS A 291 24.49 -17.92 18.47
CA LYS A 291 24.35 -16.45 18.38
C LYS A 291 24.91 -15.77 19.63
N PRO A 292 26.25 -15.70 19.77
CA PRO A 292 26.84 -14.83 20.79
C PRO A 292 26.61 -13.33 20.60
N VAL A 293 26.56 -12.63 21.74
CA VAL A 293 26.64 -11.18 21.86
C VAL A 293 28.10 -10.71 21.58
N PRO A 294 28.33 -9.43 21.24
CA PRO A 294 29.73 -8.95 21.36
C PRO A 294 30.09 -8.45 22.78
N HIS A 295 30.89 -9.24 23.51
CA HIS A 295 31.37 -8.93 24.90
C HIS A 295 32.26 -7.65 24.95
N LEU A 296 31.94 -6.73 24.03
CA LEU A 296 32.51 -5.38 23.95
C LEU A 296 31.69 -4.56 22.92
N VAL B 1 24.49 -19.60 -16.92
CA VAL B 1 24.87 -20.66 -15.91
C VAL B 1 24.70 -20.19 -14.43
N PRO B 2 23.64 -19.35 -14.16
CA PRO B 2 23.47 -18.78 -12.78
C PRO B 2 23.59 -19.82 -11.66
N ASP B 3 23.48 -19.37 -10.40
CA ASP B 3 23.32 -20.32 -9.29
C ASP B 3 21.92 -20.09 -8.72
N TYR B 4 21.37 -18.93 -9.04
CA TYR B 4 20.11 -18.49 -8.45
C TYR B 4 19.08 -18.39 -9.55
N HIS B 5 19.38 -19.03 -10.69
CA HIS B 5 18.50 -19.13 -11.86
C HIS B 5 17.02 -19.25 -11.46
N GLU B 6 16.67 -20.39 -10.90
CA GLU B 6 15.32 -20.68 -10.46
C GLU B 6 14.73 -19.67 -9.44
N ASP B 7 15.54 -19.25 -8.48
CA ASP B 7 15.12 -18.29 -7.48
C ASP B 7 14.77 -16.95 -8.08
N ILE B 8 15.59 -16.55 -9.05
CA ILE B 8 15.41 -15.25 -9.66
C ILE B 8 14.15 -15.27 -10.51
N HIS B 9 14.04 -16.33 -11.36
CA HIS B 9 12.84 -16.55 -12.16
C HIS B 9 11.55 -16.51 -11.34
N THR B 10 11.52 -17.26 -10.23
CA THR B 10 10.37 -17.24 -9.31
C THR B 10 10.10 -15.86 -8.74
N TYR B 11 11.14 -15.16 -8.31
CA TYR B 11 10.98 -13.82 -7.76
C TYR B 11 10.41 -12.85 -8.82
N LEU B 12 10.89 -12.98 -10.05
CA LEU B 12 10.42 -12.09 -11.09
C LEU B 12 8.98 -12.36 -11.45
N ARG B 13 8.58 -13.63 -11.46
CA ARG B 13 7.17 -14.02 -11.53
C ARG B 13 6.35 -13.42 -10.37
N GLU B 14 6.73 -13.56 -9.11
CA GLU B 14 5.93 -12.90 -8.08
C GLU B 14 5.85 -11.39 -8.39
N MET B 15 6.96 -10.81 -8.78
CA MET B 15 7.13 -9.37 -8.84
C MET B 15 6.31 -8.71 -9.90
N GLU B 16 6.16 -9.38 -11.02
CA GLU B 16 5.51 -8.79 -12.20
C GLU B 16 3.98 -8.65 -12.02
N VAL B 17 3.41 -9.47 -11.14
CA VAL B 17 2.01 -9.36 -10.81
C VAL B 17 1.82 -8.10 -9.97
N LYS B 18 2.76 -7.81 -9.08
CA LYS B 18 2.66 -6.61 -8.24
C LYS B 18 2.97 -5.29 -8.97
N CYS B 19 3.82 -5.32 -10.00
CA CYS B 19 4.25 -4.11 -10.73
C CYS B 19 3.39 -3.83 -11.97
N LYS B 20 2.46 -4.74 -12.27
CA LYS B 20 1.46 -4.57 -13.32
C LYS B 20 0.79 -3.22 -13.22
N PRO B 21 0.66 -2.52 -14.36
CA PRO B 21 -0.28 -1.39 -14.45
C PRO B 21 -1.73 -1.91 -14.64
N LYS B 22 -2.73 -1.10 -14.32
CA LYS B 22 -4.09 -1.59 -14.54
C LYS B 22 -4.54 -1.54 -15.99
N VAL B 23 -5.10 -2.66 -16.42
CA VAL B 23 -5.46 -2.90 -17.80
C VAL B 23 -6.06 -1.69 -18.51
N GLY B 24 -7.14 -1.14 -17.95
CA GLY B 24 -7.92 -0.16 -18.66
C GLY B 24 -7.81 1.27 -18.18
N TYR B 25 -6.72 1.63 -17.51
CA TYR B 25 -6.50 3.02 -17.08
C TYR B 25 -6.77 4.03 -18.21
N MET B 26 -6.65 3.63 -19.47
CA MET B 26 -6.83 4.61 -20.54
C MET B 26 -8.28 5.08 -20.67
N LYS B 27 -9.21 4.13 -20.65
CA LYS B 27 -10.66 4.40 -20.51
C LYS B 27 -11.02 5.41 -19.43
N LYS B 28 -10.20 5.56 -18.38
CA LYS B 28 -10.41 6.60 -17.36
C LYS B 28 -9.51 7.88 -17.52
N GLN B 29 -8.85 8.08 -18.66
CA GLN B 29 -8.00 9.28 -18.84
C GLN B 29 -8.75 10.32 -19.71
N PRO B 30 -9.19 11.46 -19.12
CA PRO B 30 -10.05 12.32 -19.95
C PRO B 30 -9.41 12.79 -21.22
N ASP B 31 -8.13 13.21 -21.16
CA ASP B 31 -7.48 13.95 -22.25
C ASP B 31 -6.56 13.13 -23.18
N ILE B 32 -6.11 11.95 -22.77
CA ILE B 32 -5.18 11.15 -23.59
C ILE B 32 -5.74 9.76 -23.96
N THR B 33 -5.09 9.18 -24.96
CA THR B 33 -5.58 8.02 -25.67
C THR B 33 -4.40 7.09 -25.94
N ASN B 34 -4.70 5.84 -26.30
CA ASN B 34 -3.68 4.86 -26.71
C ASN B 34 -2.85 5.40 -27.83
N SER B 35 -3.52 6.14 -28.68
CA SER B 35 -2.92 6.74 -29.84
C SER B 35 -1.81 7.71 -29.42
N MET B 36 -2.09 8.51 -28.39
CA MET B 36 -1.09 9.44 -27.89
C MET B 36 0.02 8.72 -27.17
N ARG B 37 -0.33 7.70 -26.37
CA ARG B 37 0.65 6.79 -25.75
C ARG B 37 1.63 6.24 -26.79
N ALA B 38 1.10 5.72 -27.91
CA ALA B 38 1.93 5.19 -28.98
C ALA B 38 2.94 6.18 -29.57
N ILE B 39 2.52 7.43 -29.80
CA ILE B 39 3.46 8.42 -30.31
C ILE B 39 4.57 8.61 -29.29
N LEU B 40 4.20 8.63 -28.00
CA LEU B 40 5.17 8.80 -26.93
C LEU B 40 6.17 7.61 -26.85
N VAL B 41 5.67 6.39 -26.85
CA VAL B 41 6.54 5.21 -26.74
C VAL B 41 7.47 5.15 -27.93
N ASP B 42 6.93 5.36 -29.11
CA ASP B 42 7.74 5.33 -30.30
C ASP B 42 8.78 6.45 -30.29
N TRP B 43 8.45 7.61 -29.71
CA TRP B 43 9.43 8.69 -29.56
C TRP B 43 10.54 8.26 -28.62
N LEU B 44 10.14 7.59 -27.55
CA LEU B 44 11.10 7.03 -26.59
C LEU B 44 12.11 6.12 -27.25
N VAL B 45 11.62 5.26 -28.15
CA VAL B 45 12.49 4.36 -28.94
C VAL B 45 13.56 5.15 -29.65
N GLU B 46 13.16 6.18 -30.38
CA GLU B 46 14.08 7.14 -30.99
C GLU B 46 15.06 7.76 -30.00
N VAL B 47 14.60 8.20 -28.83
CA VAL B 47 15.55 8.76 -27.85
C VAL B 47 16.57 7.70 -27.42
N GLY B 48 16.06 6.48 -27.22
CA GLY B 48 16.90 5.34 -26.88
C GLY B 48 18.06 5.14 -27.84
N GLU B 49 17.77 5.27 -29.14
CA GLU B 49 18.77 5.17 -30.20
C GLU B 49 19.77 6.31 -30.15
N GLU B 50 19.28 7.52 -30.05
CA GLU B 50 20.13 8.71 -30.09
C GLU B 50 21.17 8.75 -28.96
N TYR B 51 20.75 8.31 -27.77
CA TYR B 51 21.65 8.30 -26.61
C TYR B 51 22.18 6.91 -26.31
N LYS B 52 21.93 5.97 -27.24
CA LYS B 52 22.42 4.57 -27.16
C LYS B 52 22.22 4.01 -25.76
N LEU B 53 20.96 3.92 -25.36
CA LEU B 53 20.54 3.44 -24.07
C LEU B 53 20.20 1.98 -24.24
N GLN B 54 20.28 1.17 -23.19
CA GLN B 54 19.95 -0.26 -23.27
C GLN B 54 18.46 -0.46 -23.52
N ASN B 55 18.05 -1.53 -24.20
CA ASN B 55 16.60 -1.80 -24.38
C ASN B 55 15.82 -1.94 -23.08
N GLU B 56 16.46 -2.51 -22.07
CA GLU B 56 15.90 -2.50 -20.73
C GLU B 56 15.47 -1.11 -20.27
N THR B 57 16.35 -0.12 -20.36
CA THR B 57 15.95 1.27 -20.04
C THR B 57 14.60 1.72 -20.66
N LEU B 58 14.38 1.35 -21.93
CA LEU B 58 13.15 1.61 -22.63
C LEU B 58 12.00 0.84 -22.03
N HIS B 59 12.22 -0.44 -21.72
CA HIS B 59 11.17 -1.24 -21.10
C HIS B 59 10.76 -0.68 -19.71
N LEU B 60 11.73 -0.27 -18.90
CA LEU B 60 11.45 0.35 -17.61
C LEU B 60 10.74 1.70 -17.74
N ALA B 61 11.21 2.57 -18.62
CA ALA B 61 10.48 3.81 -18.80
C ALA B 61 8.98 3.53 -19.15
N VAL B 62 8.68 2.54 -20.01
CA VAL B 62 7.29 2.24 -20.38
C VAL B 62 6.55 1.72 -19.17
N ASN B 63 7.22 0.87 -18.37
CA ASN B 63 6.66 0.43 -17.08
C ASN B 63 6.27 1.56 -16.15
N TYR B 64 7.20 2.49 -15.93
CA TYR B 64 6.95 3.63 -15.04
C TYR B 64 5.89 4.57 -15.61
N ILE B 65 5.90 4.83 -16.92
CA ILE B 65 4.76 5.55 -17.53
C ILE B 65 3.34 4.85 -17.36
N ASP B 66 3.22 3.57 -17.73
CA ASP B 66 1.94 2.88 -17.58
C ASP B 66 1.47 2.90 -16.12
N ARG B 67 2.35 2.55 -15.19
CA ARG B 67 2.04 2.65 -13.77
C ARG B 67 1.65 4.07 -13.31
N PHE B 68 2.43 5.06 -13.69
CA PHE B 68 2.12 6.44 -13.34
C PHE B 68 0.73 6.84 -13.87
N LEU B 69 0.43 6.51 -15.11
CA LEU B 69 -0.84 6.84 -15.69
C LEU B 69 -2.02 6.05 -15.11
N SER B 70 -1.75 5.04 -14.29
CA SER B 70 -2.82 4.30 -13.60
C SER B 70 -3.27 5.00 -12.34
N SER B 71 -2.50 5.96 -11.87
CA SER B 71 -2.86 6.67 -10.65
C SER B 71 -3.20 8.10 -10.95
N MET B 72 -2.58 8.68 -11.96
CA MET B 72 -2.73 10.11 -12.18
C MET B 72 -3.36 10.39 -13.50
N SER B 73 -4.21 11.41 -13.53
CA SER B 73 -4.68 11.93 -14.80
C SER B 73 -3.70 12.99 -15.30
N VAL B 74 -3.42 13.00 -16.61
CA VAL B 74 -2.48 14.01 -17.15
C VAL B 74 -3.07 14.63 -18.41
N LEU B 75 -2.65 15.85 -18.71
CA LEU B 75 -3.05 16.51 -19.97
C LEU B 75 -2.09 16.20 -21.14
N ARG B 76 -2.61 16.25 -22.37
CA ARG B 76 -1.81 15.89 -23.52
C ARG B 76 -0.52 16.71 -23.56
N GLY B 77 -0.59 17.96 -23.15
CA GLY B 77 0.57 18.84 -23.19
C GLY B 77 1.63 18.41 -22.18
N LYS B 78 1.18 17.79 -21.12
CA LYS B 78 2.11 17.34 -20.09
C LYS B 78 2.55 15.88 -20.28
N LEU B 79 1.91 15.16 -21.22
CA LEU B 79 2.23 13.76 -21.43
C LEU B 79 3.72 13.56 -21.71
N GLN B 80 4.30 14.39 -22.54
CA GLN B 80 5.70 14.17 -22.86
C GLN B 80 6.62 14.44 -21.68
N LEU B 81 6.22 15.30 -20.75
CA LEU B 81 6.99 15.58 -19.56
C LEU B 81 7.03 14.39 -18.61
N VAL B 82 6.03 13.53 -18.70
CA VAL B 82 5.98 12.32 -17.89
C VAL B 82 6.89 11.29 -18.52
N GLY B 83 6.88 11.19 -19.85
CA GLY B 83 7.77 10.29 -20.62
C GLY B 83 9.24 10.58 -20.37
N THR B 84 9.61 11.84 -20.45
CA THR B 84 10.98 12.29 -20.24
C THR B 84 11.49 11.86 -18.91
N ALA B 85 10.77 12.25 -17.87
CA ALA B 85 11.17 11.99 -16.51
C ALA B 85 11.18 10.49 -16.19
N ALA B 86 10.30 9.71 -16.85
CA ALA B 86 10.29 8.26 -16.71
C ALA B 86 11.57 7.70 -17.31
N MET B 87 11.99 8.25 -18.45
CA MET B 87 13.21 7.80 -19.10
C MET B 87 14.44 8.28 -18.29
N LEU B 88 14.35 9.45 -17.67
CA LEU B 88 15.48 9.91 -16.89
C LEU B 88 15.71 8.99 -15.70
N LEU B 89 14.60 8.52 -15.13
CA LEU B 89 14.71 7.63 -14.01
C LEU B 89 15.19 6.26 -14.43
N ALA B 90 14.67 5.75 -15.54
CA ALA B 90 15.08 4.42 -15.97
C ALA B 90 16.55 4.50 -16.32
N SER B 91 17.01 5.69 -16.76
CA SER B 91 18.40 5.91 -17.07
C SER B 91 19.26 5.79 -15.81
N LYS B 92 18.90 6.58 -14.80
CA LYS B 92 19.59 6.54 -13.51
C LYS B 92 19.59 5.14 -12.90
N PHE B 93 18.49 4.41 -13.01
CA PHE B 93 18.43 3.06 -12.42
C PHE B 93 19.31 2.07 -13.17
N GLU B 94 19.26 2.13 -14.50
CA GLU B 94 19.79 1.04 -15.33
C GLU B 94 21.10 1.33 -16.05
N GLU B 95 21.38 2.59 -16.36
CA GLU B 95 22.55 2.91 -17.19
C GLU B 95 23.84 3.14 -16.39
N ILE B 96 24.96 2.80 -17.03
CA ILE B 96 26.26 3.16 -16.53
C ILE B 96 26.47 4.67 -16.69
N TYR B 97 26.11 5.20 -17.86
CA TYR B 97 26.14 6.62 -18.16
C TYR B 97 24.78 7.13 -18.59
N PRO B 98 23.87 7.33 -17.63
CA PRO B 98 22.67 8.10 -17.91
C PRO B 98 22.96 9.51 -18.43
N PRO B 99 22.22 9.93 -19.45
CA PRO B 99 22.23 11.27 -19.99
C PRO B 99 22.04 12.31 -18.91
N GLU B 100 22.59 13.51 -19.07
CA GLU B 100 22.30 14.56 -18.10
C GLU B 100 20.93 15.09 -18.32
N VAL B 101 20.39 15.75 -17.31
CA VAL B 101 19.06 16.32 -17.39
C VAL B 101 18.95 17.25 -18.58
N ALA B 102 19.99 18.03 -18.83
CA ALA B 102 19.88 19.13 -19.75
C ALA B 102 19.74 18.55 -21.12
N GLU B 103 20.27 17.34 -21.29
CA GLU B 103 20.20 16.60 -22.55
C GLU B 103 18.82 16.04 -22.76
N PHE B 104 18.09 15.90 -21.68
CA PHE B 104 16.71 15.50 -21.76
C PHE B 104 15.88 16.69 -22.18
N VAL B 105 16.10 17.84 -21.53
CA VAL B 105 15.53 19.12 -21.96
C VAL B 105 15.85 19.36 -23.43
N TYR B 106 17.09 19.08 -23.84
CA TYR B 106 17.41 19.21 -25.25
C TYR B 106 16.51 18.35 -26.16
N ILE B 107 16.19 17.11 -25.80
CA ILE B 107 15.46 16.26 -26.76
C ILE B 107 13.95 16.43 -26.78
N THR B 108 13.46 17.29 -25.90
CA THR B 108 12.06 17.69 -25.93
C THR B 108 11.96 18.92 -26.79
N ASP B 109 13.12 19.44 -27.18
CA ASP B 109 13.23 20.68 -27.93
C ASP B 109 12.81 21.89 -27.09
N ASP B 110 13.16 21.89 -25.81
CA ASP B 110 12.70 22.92 -24.85
C ASP B 110 11.17 23.07 -24.68
N THR B 111 10.41 22.01 -25.03
CA THR B 111 9.01 21.90 -24.60
C THR B 111 8.88 22.17 -23.09
N TYR B 112 9.86 21.75 -22.29
CA TYR B 112 9.82 21.99 -20.85
C TYR B 112 11.14 22.51 -20.29
N THR B 113 11.14 22.99 -19.06
CA THR B 113 12.34 23.50 -18.44
C THR B 113 13.05 22.44 -17.60
N LYS B 114 14.31 22.71 -17.28
CA LYS B 114 15.10 21.88 -16.38
C LYS B 114 14.24 21.57 -15.13
N LYS B 115 13.72 22.65 -14.52
CA LYS B 115 13.03 22.58 -13.27
C LYS B 115 11.71 21.82 -13.38
N GLN B 116 11.04 21.89 -14.55
CA GLN B 116 9.82 21.05 -14.78
C GLN B 116 10.13 19.55 -14.73
N VAL B 117 11.24 19.14 -15.34
CA VAL B 117 11.63 17.74 -15.43
C VAL B 117 12.07 17.22 -14.06
N LEU B 118 12.83 18.04 -13.35
CA LEU B 118 13.24 17.71 -12.02
C LEU B 118 12.03 17.48 -11.15
N ARG B 119 11.14 18.47 -11.11
CA ARG B 119 9.90 18.36 -10.36
C ARG B 119 9.08 17.21 -10.80
N MET B 120 9.02 16.92 -12.08
CA MET B 120 8.29 15.70 -12.50
C MET B 120 8.97 14.38 -11.99
N GLU B 121 10.30 14.37 -11.98
CA GLU B 121 11.03 13.23 -11.48
C GLU B 121 10.60 12.99 -10.01
N HIS B 122 10.59 14.04 -9.18
CA HIS B 122 10.07 13.95 -7.82
C HIS B 122 8.67 13.27 -7.81
N LEU B 123 7.75 13.81 -8.62
CA LEU B 123 6.41 13.33 -8.57
C LEU B 123 6.34 11.86 -8.91
N VAL B 124 7.04 11.47 -9.97
CA VAL B 124 7.02 10.10 -10.44
C VAL B 124 7.55 9.19 -9.32
N LEU B 125 8.63 9.63 -8.68
CA LEU B 125 9.16 8.91 -7.54
C LEU B 125 8.14 8.78 -6.43
N LYS B 126 7.45 9.88 -6.09
CA LYS B 126 6.36 9.82 -5.11
C LYS B 126 5.26 8.84 -5.52
N VAL B 127 4.73 8.92 -6.72
CA VAL B 127 3.57 8.12 -7.11
C VAL B 127 3.96 6.65 -7.25
N LEU B 128 5.19 6.44 -7.70
CA LEU B 128 5.71 5.09 -7.90
C LEU B 128 6.21 4.58 -6.56
N THR B 129 6.17 5.48 -5.56
CA THR B 129 6.77 5.25 -4.24
C THR B 129 8.17 4.60 -4.31
N PHE B 130 8.96 4.98 -5.31
CA PHE B 130 10.34 4.50 -5.44
C PHE B 130 10.48 3.05 -5.85
N ASP B 131 9.40 2.39 -6.23
CA ASP B 131 9.49 1.01 -6.67
C ASP B 131 9.85 0.88 -8.16
N LEU B 132 11.16 0.87 -8.46
CA LEU B 132 11.67 1.09 -9.80
C LEU B 132 12.23 -0.15 -10.44
N ALA B 133 12.55 -1.15 -9.64
CA ALA B 133 13.11 -2.40 -10.13
C ALA B 133 12.02 -3.36 -10.71
N ALA B 134 11.39 -2.94 -11.81
CA ALA B 134 10.30 -3.73 -12.42
C ALA B 134 10.82 -4.92 -13.25
N PRO B 135 10.08 -6.03 -13.27
CA PRO B 135 10.37 -7.06 -14.27
C PRO B 135 9.86 -6.59 -15.63
N THR B 136 10.55 -6.97 -16.70
CA THR B 136 10.18 -6.57 -18.04
C THR B 136 10.18 -7.82 -18.94
N VAL B 137 9.58 -7.72 -20.10
CA VAL B 137 9.71 -8.74 -21.14
C VAL B 137 11.16 -9.12 -21.28
N ASN B 138 12.00 -8.08 -21.39
CA ASN B 138 13.42 -8.21 -21.58
C ASN B 138 14.06 -9.18 -20.61
N GLN B 139 13.75 -9.00 -19.34
CA GLN B 139 14.32 -9.83 -18.32
C GLN B 139 13.91 -11.27 -18.47
N PHE B 140 12.70 -11.53 -18.95
CA PHE B 140 12.28 -12.90 -19.22
C PHE B 140 12.92 -13.45 -20.47
N LEU B 141 12.99 -12.62 -21.52
CA LEU B 141 13.55 -13.08 -22.78
C LEU B 141 14.98 -13.57 -22.58
N THR B 142 15.82 -12.76 -21.91
CA THR B 142 17.21 -13.14 -21.71
C THR B 142 17.31 -14.50 -20.99
N GLN B 143 16.38 -14.75 -20.08
CA GLN B 143 16.33 -16.06 -19.39
C GLN B 143 15.92 -17.20 -20.28
N TYR B 144 14.88 -16.97 -21.07
CA TYR B 144 14.38 -17.94 -22.03
C TYR B 144 15.42 -18.33 -23.12
N PHE B 145 16.32 -17.41 -23.50
CA PHE B 145 17.30 -17.70 -24.56
C PHE B 145 18.25 -18.81 -24.12
N LEU B 146 18.49 -18.89 -22.81
CA LEU B 146 19.37 -19.88 -22.23
C LEU B 146 18.96 -21.28 -22.53
N HIS B 147 17.74 -21.45 -23.00
CA HIS B 147 17.24 -22.76 -23.36
C HIS B 147 17.35 -22.98 -24.85
N GLN B 148 18.07 -22.13 -25.54
CA GLN B 148 18.14 -22.32 -26.97
C GLN B 148 19.46 -22.97 -27.33
N GLN B 149 19.36 -24.09 -28.06
CA GLN B 149 20.52 -24.81 -28.61
C GLN B 149 20.52 -24.91 -30.17
N PRO B 150 21.70 -24.67 -30.80
CA PRO B 150 22.99 -24.28 -30.14
C PRO B 150 23.13 -22.83 -29.60
N ALA B 151 22.42 -21.85 -30.20
CA ALA B 151 22.32 -20.45 -29.70
C ALA B 151 21.53 -19.48 -30.62
N ASN B 152 22.00 -19.22 -31.84
CA ASN B 152 21.26 -18.44 -32.90
C ASN B 152 20.76 -17.02 -32.58
N CYS B 153 21.56 -16.00 -32.88
CA CYS B 153 21.20 -14.65 -32.43
C CYS B 153 20.26 -13.89 -33.38
N LYS B 154 19.91 -14.53 -34.49
CA LYS B 154 18.82 -14.08 -35.33
C LYS B 154 17.47 -14.31 -34.60
N VAL B 155 17.29 -15.50 -34.06
CA VAL B 155 16.14 -15.78 -33.19
C VAL B 155 16.09 -14.80 -32.04
N GLU B 156 17.24 -14.49 -31.46
CA GLU B 156 17.31 -13.59 -30.32
C GLU B 156 16.97 -12.15 -30.61
N SER B 157 17.50 -11.57 -31.69
CA SER B 157 17.09 -10.22 -32.09
C SER B 157 15.62 -10.11 -32.49
N LEU B 158 15.14 -11.07 -33.27
CA LEU B 158 13.76 -11.08 -33.64
C LEU B 158 12.89 -11.15 -32.38
N ALA B 159 13.24 -11.99 -31.40
CA ALA B 159 12.44 -12.00 -30.18
C ALA B 159 12.46 -10.65 -29.47
N MET B 160 13.61 -9.98 -29.40
CA MET B 160 13.64 -8.60 -28.89
C MET B 160 12.88 -7.56 -29.72
N PHE B 161 12.91 -7.70 -31.04
CA PHE B 161 12.09 -6.90 -31.93
C PHE B 161 10.60 -7.03 -31.58
N LEU B 162 10.14 -8.28 -31.47
CA LEU B 162 8.73 -8.57 -31.17
C LEU B 162 8.31 -8.06 -29.79
N GLY B 163 9.13 -8.33 -28.78
CA GLY B 163 8.85 -7.80 -27.47
C GLY B 163 8.85 -6.28 -27.44
N GLU B 164 9.66 -5.63 -28.27
CA GLU B 164 9.65 -4.18 -28.29
C GLU B 164 8.35 -3.66 -28.98
N LEU B 165 7.93 -4.28 -30.09
CA LEU B 165 6.64 -3.92 -30.68
C LEU B 165 5.48 -3.96 -29.68
N SER B 166 5.56 -4.84 -28.70
CA SER B 166 4.52 -4.94 -27.70
C SER B 166 4.32 -3.65 -26.87
N LEU B 167 5.35 -2.80 -26.77
CA LEU B 167 5.31 -1.60 -25.92
C LEU B 167 4.44 -0.47 -26.49
N ILE B 168 4.29 -0.46 -27.82
CA ILE B 168 3.51 0.56 -28.55
C ILE B 168 2.00 0.48 -28.36
N ASP B 169 1.50 -0.74 -28.24
CA ASP B 169 0.07 -1.02 -28.37
C ASP B 169 -0.53 -1.49 -27.06
N ALA B 170 -0.77 -0.52 -26.18
CA ALA B 170 -1.45 -0.77 -24.91
C ALA B 170 -2.58 -1.76 -25.08
N ASP B 171 -3.38 -1.58 -26.13
CA ASP B 171 -4.37 -2.57 -26.52
C ASP B 171 -3.76 -3.30 -27.68
N PRO B 172 -3.65 -4.63 -27.57
CA PRO B 172 -4.17 -5.37 -26.38
C PRO B 172 -3.19 -5.54 -25.22
N TYR B 173 -1.89 -5.34 -25.46
CA TYR B 173 -0.79 -5.98 -24.68
C TYR B 173 -0.81 -5.88 -23.18
N LEU B 174 -1.32 -4.78 -22.63
CA LEU B 174 -1.52 -4.69 -21.20
C LEU B 174 -2.31 -5.85 -20.60
N LYS B 175 -3.15 -6.52 -21.37
CA LYS B 175 -3.85 -7.72 -20.81
C LYS B 175 -2.84 -8.83 -20.46
N TYR B 176 -1.58 -8.67 -20.85
CA TYR B 176 -0.62 -9.75 -20.61
C TYR B 176 0.54 -9.40 -19.66
N LEU B 177 0.92 -10.42 -18.89
CA LEU B 177 2.15 -10.44 -18.15
C LEU B 177 3.40 -10.47 -19.05
N PRO B 178 4.43 -9.69 -18.70
CA PRO B 178 5.76 -9.78 -19.33
C PRO B 178 6.26 -11.19 -19.61
N SER B 179 6.07 -12.13 -18.70
CA SER B 179 6.51 -13.52 -18.94
C SER B 179 5.75 -14.22 -20.08
N VAL B 180 4.50 -13.82 -20.28
CA VAL B 180 3.62 -14.35 -21.31
C VAL B 180 4.03 -13.74 -22.66
N ILE B 181 4.09 -12.40 -22.73
CA ILE B 181 4.58 -11.80 -23.95
C ILE B 181 5.98 -12.27 -24.32
N ALA B 182 6.80 -12.58 -23.33
CA ALA B 182 8.15 -12.97 -23.69
C ALA B 182 8.06 -14.36 -24.22
N GLY B 183 7.21 -15.18 -23.60
CA GLY B 183 6.96 -16.55 -24.12
C GLY B 183 6.49 -16.60 -25.58
N ALA B 184 5.42 -15.87 -25.84
CA ALA B 184 4.86 -15.65 -27.15
C ALA B 184 5.88 -15.16 -28.13
N ALA B 185 6.62 -14.15 -27.73
CA ALA B 185 7.58 -13.54 -28.63
C ALA B 185 8.62 -14.55 -28.98
N PHE B 186 9.11 -15.26 -27.96
CA PHE B 186 10.23 -16.17 -28.18
C PHE B 186 9.77 -17.27 -29.09
N HIS B 187 8.57 -17.77 -28.85
CA HIS B 187 8.10 -18.83 -29.67
C HIS B 187 7.99 -18.35 -31.10
N LEU B 188 7.46 -17.13 -31.25
CA LEU B 188 7.32 -16.52 -32.57
C LEU B 188 8.67 -16.37 -33.24
N ALA B 189 9.68 -15.96 -32.48
CA ALA B 189 11.00 -15.76 -33.03
C ALA B 189 11.60 -17.10 -33.49
N LEU B 190 11.52 -18.12 -32.62
CA LEU B 190 11.99 -19.45 -33.00
C LEU B 190 11.31 -19.85 -34.26
N TYR B 191 9.99 -19.94 -34.24
CA TYR B 191 9.23 -20.43 -35.38
C TYR B 191 9.52 -19.69 -36.71
N THR B 192 9.54 -18.37 -36.70
CA THR B 192 9.82 -17.65 -37.92
C THR B 192 11.16 -18.05 -38.51
N VAL B 193 12.17 -18.17 -37.65
CA VAL B 193 13.56 -18.32 -38.11
C VAL B 193 13.95 -19.77 -38.40
N THR B 194 13.78 -20.68 -37.44
CA THR B 194 14.19 -22.06 -37.63
C THR B 194 13.04 -23.08 -37.71
N GLY B 195 11.80 -22.62 -37.68
CA GLY B 195 10.67 -23.55 -37.74
C GLY B 195 10.38 -24.34 -36.48
N GLN B 196 11.25 -24.27 -35.45
CA GLN B 196 11.05 -25.00 -34.19
C GLN B 196 9.99 -24.38 -33.29
N SER B 197 9.83 -24.95 -32.11
CA SER B 197 8.84 -24.48 -31.15
C SER B 197 9.38 -24.18 -29.75
N TRP B 198 8.50 -23.59 -28.94
CA TRP B 198 8.66 -23.40 -27.52
C TRP B 198 9.10 -24.74 -26.95
N PRO B 199 10.36 -24.82 -26.47
CA PRO B 199 10.93 -26.10 -26.07
C PRO B 199 10.34 -26.63 -24.78
N GLU B 200 10.24 -27.96 -24.63
CA GLU B 200 9.62 -28.51 -23.41
C GLU B 200 10.32 -28.14 -22.11
N SER B 201 11.59 -27.70 -22.22
CA SER B 201 12.31 -27.18 -21.05
C SER B 201 11.66 -25.92 -20.54
N LEU B 202 11.24 -25.03 -21.45
CA LEU B 202 10.56 -23.82 -21.05
C LEU B 202 9.14 -24.07 -20.57
N ILE B 203 8.51 -25.12 -21.11
CA ILE B 203 7.24 -25.57 -20.53
C ILE B 203 7.50 -25.83 -19.05
N ARG B 204 8.53 -26.62 -18.73
CA ARG B 204 8.89 -26.89 -17.32
C ARG B 204 9.17 -25.63 -16.49
N LYS B 205 10.22 -24.88 -16.84
CA LYS B 205 10.57 -23.61 -16.15
C LYS B 205 9.39 -22.66 -15.89
N THR B 206 8.55 -22.44 -16.90
CA THR B 206 7.52 -21.41 -16.85
C THR B 206 6.12 -21.93 -16.48
N GLY B 207 5.88 -23.21 -16.76
CA GLY B 207 4.54 -23.77 -16.68
C GLY B 207 3.60 -23.32 -17.80
N TYR B 208 4.12 -22.61 -18.78
CA TYR B 208 3.29 -22.21 -19.92
C TYR B 208 3.42 -23.23 -21.01
N THR B 209 2.30 -23.71 -21.54
CA THR B 209 2.31 -24.47 -22.82
C THR B 209 1.99 -23.54 -23.99
N LEU B 210 2.05 -24.08 -25.20
CA LEU B 210 1.61 -23.34 -26.37
C LEU B 210 0.16 -23.07 -26.27
N GLU B 211 -0.60 -23.97 -25.64
CA GLU B 211 -2.01 -23.72 -25.38
C GLU B 211 -2.25 -22.43 -24.60
N SER B 212 -1.51 -22.22 -23.51
CA SER B 212 -1.72 -21.04 -22.63
C SER B 212 -1.14 -19.75 -23.19
N LEU B 213 -0.21 -19.90 -24.13
CA LEU B 213 0.39 -18.76 -24.82
C LEU B 213 -0.46 -18.29 -25.99
N LYS B 214 -1.23 -19.22 -26.55
CA LYS B 214 -2.06 -18.99 -27.75
C LYS B 214 -2.72 -17.61 -27.87
N PRO B 215 -3.43 -17.14 -26.81
CA PRO B 215 -4.06 -15.80 -26.90
C PRO B 215 -3.08 -14.69 -27.29
N CYS B 216 -1.99 -14.54 -26.54
CA CYS B 216 -0.97 -13.55 -26.84
C CYS B 216 -0.23 -13.80 -28.18
N LEU B 217 -0.14 -15.06 -28.56
CA LEU B 217 0.54 -15.43 -29.79
C LEU B 217 -0.25 -14.96 -31.03
N MET B 218 -1.56 -15.04 -30.94
CA MET B 218 -2.47 -14.52 -31.96
C MET B 218 -2.22 -13.04 -32.16
N ASP B 219 -2.29 -12.31 -31.06
CA ASP B 219 -2.19 -10.88 -31.14
C ASP B 219 -0.85 -10.48 -31.68
N LEU B 220 0.20 -11.11 -31.15
CA LEU B 220 1.56 -10.78 -31.53
C LEU B 220 1.79 -11.05 -33.02
N HIS B 221 1.27 -12.19 -33.47
CA HIS B 221 1.33 -12.53 -34.86
C HIS B 221 0.66 -11.46 -35.74
N GLN B 222 -0.62 -11.12 -35.50
CA GLN B 222 -1.26 -9.94 -36.15
C GLN B 222 -0.30 -8.74 -36.17
N THR B 223 0.02 -8.20 -34.98
CA THR B 223 0.88 -7.02 -34.80
C THR B 223 2.09 -7.05 -35.70
N TYR B 224 2.68 -8.23 -35.78
CA TYR B 224 3.87 -8.50 -36.58
C TYR B 224 3.55 -8.48 -38.08
N LEU B 225 2.38 -8.96 -38.50
CA LEU B 225 2.06 -8.90 -39.95
C LEU B 225 1.75 -7.46 -40.32
N LYS B 226 0.93 -6.81 -39.51
CA LYS B 226 0.60 -5.42 -39.79
C LYS B 226 1.73 -4.44 -39.45
N ALA B 227 2.92 -4.94 -39.09
CA ALA B 227 4.04 -4.04 -38.67
C ALA B 227 4.31 -2.92 -39.66
N PRO B 228 4.53 -3.27 -40.97
CA PRO B 228 4.87 -2.29 -42.01
C PRO B 228 3.77 -1.28 -42.22
N GLN B 229 2.55 -1.66 -41.87
CA GLN B 229 1.42 -0.75 -41.98
C GLN B 229 1.30 0.21 -40.80
N HIS B 230 2.07 0.03 -39.74
CA HIS B 230 1.85 0.77 -38.50
C HIS B 230 2.19 2.27 -38.58
N ALA B 231 1.42 3.08 -37.86
CA ALA B 231 1.67 4.52 -37.77
C ALA B 231 3.02 4.87 -37.12
N GLN B 232 3.54 3.99 -36.28
CA GLN B 232 4.85 4.20 -35.70
C GLN B 232 5.89 3.19 -36.28
N GLN B 233 7.06 3.68 -36.69
CA GLN B 233 7.98 2.83 -37.43
C GLN B 233 9.40 2.82 -36.87
N SER B 234 9.57 3.42 -35.69
CA SER B 234 10.85 3.53 -35.06
C SER B 234 11.53 2.23 -34.72
N ILE B 235 10.76 1.29 -34.21
CA ILE B 235 11.26 0.01 -33.79
C ILE B 235 11.67 -0.79 -35.03
N ARG B 236 10.88 -0.69 -36.10
CA ARG B 236 11.25 -1.30 -37.37
C ARG B 236 12.51 -0.65 -37.95
N GLU B 237 12.59 0.67 -37.92
CA GLU B 237 13.83 1.32 -38.37
C GLU B 237 15.05 0.86 -37.60
N LYS B 238 14.88 0.69 -36.28
CA LYS B 238 15.94 0.37 -35.37
C LYS B 238 16.53 -1.00 -35.64
N TYR B 239 15.64 -1.92 -35.99
CA TYR B 239 15.94 -3.34 -36.19
C TYR B 239 16.22 -3.73 -37.66
N LYS B 240 16.12 -2.78 -38.59
CA LYS B 240 16.67 -3.01 -39.93
C LYS B 240 18.17 -3.09 -39.80
N ASN B 241 18.70 -2.30 -38.87
CA ASN B 241 20.14 -2.14 -38.72
C ASN B 241 20.90 -3.45 -38.42
N SER B 242 22.13 -3.51 -38.89
CA SER B 242 23.00 -4.69 -38.83
C SER B 242 23.37 -5.11 -37.39
N LYS B 243 23.16 -4.22 -36.43
CA LYS B 243 23.26 -4.64 -35.02
C LYS B 243 22.31 -5.81 -34.72
N TYR B 244 21.03 -5.62 -35.04
CA TYR B 244 20.04 -6.64 -34.72
C TYR B 244 19.75 -7.56 -35.92
N HIS B 245 20.79 -7.79 -36.75
CA HIS B 245 20.77 -8.75 -37.86
C HIS B 245 19.72 -8.49 -38.91
N GLY B 246 19.07 -7.33 -38.88
CA GLY B 246 18.08 -6.97 -39.89
C GLY B 246 16.75 -7.70 -39.78
N VAL B 247 16.42 -8.13 -38.56
CA VAL B 247 15.21 -8.92 -38.34
C VAL B 247 13.87 -8.24 -38.70
N SER B 248 13.80 -6.91 -38.68
CA SER B 248 12.50 -6.30 -39.05
C SER B 248 12.14 -6.57 -40.52
N LEU B 249 13.17 -7.05 -41.25
CA LEU B 249 13.11 -7.36 -42.71
C LEU B 249 12.81 -8.84 -43.07
N LEU B 250 12.83 -9.73 -42.11
CA LEU B 250 12.44 -11.11 -42.38
C LEU B 250 10.96 -11.14 -42.68
N ASN B 251 10.58 -12.06 -43.55
CA ASN B 251 9.19 -12.26 -43.84
C ASN B 251 8.58 -12.96 -42.68
N PRO B 252 7.60 -12.32 -42.05
CA PRO B 252 6.79 -13.06 -41.09
C PRO B 252 6.28 -14.37 -41.71
N PRO B 253 5.99 -15.37 -40.90
CA PRO B 253 5.32 -16.50 -41.51
C PRO B 253 3.86 -16.16 -41.56
N GLU B 254 3.14 -16.79 -42.46
CA GLU B 254 1.76 -16.42 -42.71
C GLU B 254 0.79 -17.20 -41.83
N THR B 255 1.22 -18.38 -41.37
CA THR B 255 0.38 -19.20 -40.51
C THR B 255 1.19 -19.85 -39.40
N LEU B 256 0.53 -20.12 -38.28
CA LEU B 256 1.20 -20.69 -37.09
C LEU B 256 0.73 -22.12 -36.77
N ASN B 257 -0.19 -22.65 -37.58
CA ASN B 257 -0.66 -24.02 -37.42
C ASN B 257 -1.09 -24.30 -35.98
N LEU B 258 -1.91 -23.39 -35.45
CA LEU B 258 -2.59 -23.50 -34.14
C LEU B 258 -3.49 -22.27 -33.89
N MET C 1 2.54 21.06 -1.17
CA MET C 1 1.44 21.90 -1.69
C MET C 1 1.90 22.85 -2.82
N GLU C 2 3.19 22.82 -3.15
CA GLU C 2 3.80 23.65 -4.23
C GLU C 2 3.26 23.38 -5.64
N ASN C 3 2.57 22.26 -5.82
CA ASN C 3 2.28 21.81 -7.17
C ASN C 3 0.97 22.31 -7.77
N PHE C 4 0.30 23.19 -7.01
CA PHE C 4 -1.07 23.64 -7.27
C PHE C 4 -1.17 25.14 -7.53
N GLN C 5 -1.83 25.49 -8.64
CA GLN C 5 -2.18 26.87 -8.93
C GLN C 5 -3.66 27.00 -8.59
N LYS C 6 -4.00 27.82 -7.59
CA LYS C 6 -5.42 28.06 -7.23
C LYS C 6 -6.10 28.81 -8.37
N VAL C 7 -7.07 28.17 -9.02
CA VAL C 7 -7.79 28.84 -10.11
C VAL C 7 -8.82 29.87 -9.57
N GLU C 8 -9.74 29.45 -8.69
CA GLU C 8 -10.70 30.35 -8.05
C GLU C 8 -11.40 29.69 -6.90
N LYS C 9 -11.91 30.51 -5.97
CA LYS C 9 -12.79 30.05 -4.89
C LYS C 9 -14.12 29.59 -5.49
N ILE C 10 -14.51 28.33 -5.28
CA ILE C 10 -15.81 27.89 -5.75
C ILE C 10 -16.87 27.71 -4.68
N GLY C 11 -16.76 28.40 -3.56
CA GLY C 11 -17.76 28.29 -2.52
C GLY C 11 -17.25 28.28 -1.09
N GLU C 12 -18.17 28.00 -0.15
CA GLU C 12 -17.93 28.16 1.30
C GLU C 12 -18.05 26.85 2.09
N GLY C 13 -18.16 27.01 3.40
CA GLY C 13 -18.40 25.94 4.36
C GLY C 13 -18.56 26.52 5.76
N THR C 14 -17.78 26.02 6.71
CA THR C 14 -17.71 26.56 8.09
C THR C 14 -16.34 26.23 8.68
N TYR C 15 -16.01 24.95 8.76
CA TYR C 15 -14.64 24.54 9.05
C TYR C 15 -13.77 24.83 7.80
N GLY C 16 -14.37 24.63 6.61
CA GLY C 16 -13.62 24.63 5.33
C GLY C 16 -14.18 25.29 4.07
N VAL C 17 -13.26 25.63 3.14
CA VAL C 17 -13.50 26.34 1.87
C VAL C 17 -13.06 25.48 0.66
N VAL C 18 -13.83 25.52 -0.43
CA VAL C 18 -13.59 24.68 -1.59
C VAL C 18 -13.01 25.50 -2.76
N TYR C 19 -11.91 25.04 -3.36
CA TYR C 19 -11.30 25.73 -4.48
C TYR C 19 -11.15 24.86 -5.69
N LYS C 20 -10.94 25.53 -6.83
CA LYS C 20 -10.58 24.91 -8.09
C LYS C 20 -9.09 25.18 -8.30
N ALA C 21 -8.33 24.16 -8.63
CA ALA C 21 -6.91 24.39 -8.82
C ALA C 21 -6.47 23.46 -9.89
N ARG C 22 -5.24 23.60 -10.34
CA ARG C 22 -4.68 22.59 -11.23
C ARG C 22 -3.29 22.28 -10.80
N ASN C 23 -2.96 21.00 -10.85
CA ASN C 23 -1.61 20.48 -10.91
C ASN C 23 -0.73 21.22 -11.99
N LYS C 24 0.29 21.98 -11.55
CA LYS C 24 1.20 22.72 -12.47
C LYS C 24 2.06 21.75 -13.29
N LEU C 25 2.07 20.49 -12.86
CA LEU C 25 2.90 19.49 -13.49
C LEU C 25 2.15 18.54 -14.41
N THR C 26 0.97 18.07 -14.02
CA THR C 26 0.18 17.15 -14.84
C THR C 26 -0.97 17.83 -15.55
N GLY C 27 -1.27 19.05 -15.10
CA GLY C 27 -2.43 19.80 -15.62
C GLY C 27 -3.80 19.40 -15.14
N GLU C 28 -3.90 18.36 -14.31
CA GLU C 28 -5.21 17.95 -13.77
C GLU C 28 -5.73 19.15 -13.02
N VAL C 29 -6.99 19.52 -13.32
CA VAL C 29 -7.68 20.54 -12.56
C VAL C 29 -8.24 19.74 -11.45
N VAL C 30 -8.18 20.26 -10.23
CA VAL C 30 -8.76 19.55 -9.07
C VAL C 30 -9.68 20.43 -8.24
N ALA C 31 -10.34 19.82 -7.25
CA ALA C 31 -11.01 20.59 -6.23
C ALA C 31 -10.24 20.42 -4.93
N LEU C 32 -9.88 21.53 -4.32
CA LEU C 32 -9.17 21.54 -3.07
C LEU C 32 -10.13 22.01 -2.02
N LYS C 33 -10.43 21.17 -1.04
CA LYS C 33 -11.22 21.59 0.14
C LYS C 33 -10.28 21.85 1.30
N LYS C 34 -10.20 23.12 1.68
CA LYS C 34 -9.28 23.59 2.70
C LYS C 34 -9.95 23.79 4.05
N ILE C 35 -9.44 23.09 5.05
CA ILE C 35 -9.90 23.25 6.42
C ILE C 35 -8.79 23.92 7.24
N ARG C 36 -9.22 24.81 8.14
CA ARG C 36 -8.37 25.49 9.08
C ARG C 36 -8.19 24.58 10.31
N LEU C 37 -6.94 24.33 10.68
CA LEU C 37 -6.62 23.57 11.89
C LEU C 37 -6.26 24.51 13.06
N ASP C 38 -5.83 25.72 12.70
CA ASP C 38 -5.49 26.79 13.65
C ASP C 38 -4.29 26.44 14.55
N THR C 39 -3.90 25.15 14.57
CA THR C 39 -2.98 24.54 15.56
C THR C 39 -3.52 24.66 16.99
N GLU C 40 -2.66 24.38 17.96
CA GLU C 40 -2.87 24.78 19.37
C GLU C 40 -4.11 24.19 20.10
N THR C 41 -5.30 24.37 19.55
CA THR C 41 -6.59 24.11 20.25
C THR C 41 -7.10 22.63 20.30
N GLU C 42 -7.56 22.13 19.15
CA GLU C 42 -8.46 20.97 19.08
C GLU C 42 -8.06 19.86 18.12
N GLY C 43 -7.09 20.11 17.24
CA GLY C 43 -6.52 19.08 16.36
C GLY C 43 -7.25 18.86 15.05
N VAL C 44 -7.25 17.61 14.58
CA VAL C 44 -7.99 17.24 13.37
C VAL C 44 -9.49 17.12 13.68
N PRO C 45 -10.32 17.95 13.01
CA PRO C 45 -11.76 17.86 13.22
C PRO C 45 -12.32 16.46 12.96
N SER C 46 -13.38 16.11 13.66
CA SER C 46 -14.04 14.86 13.40
C SER C 46 -14.71 14.78 12.04
N THR C 47 -15.28 15.87 11.55
CA THR C 47 -15.95 15.80 10.26
C THR C 47 -14.89 15.35 9.26
N ALA C 48 -13.70 15.90 9.43
CA ALA C 48 -12.57 15.65 8.55
C ALA C 48 -12.09 14.19 8.67
N ILE C 49 -11.89 13.74 9.91
CA ILE C 49 -11.48 12.37 10.19
C ILE C 49 -12.49 11.49 9.57
N ARG C 50 -13.76 11.79 9.81
CA ARG C 50 -14.85 10.99 9.29
C ARG C 50 -14.80 11.04 7.78
N GLU C 51 -14.90 12.24 7.20
CA GLU C 51 -14.85 12.46 5.74
C GLU C 51 -13.79 11.59 5.09
N ILE C 52 -12.52 11.86 5.45
CA ILE C 52 -11.36 11.19 4.84
C ILE C 52 -11.43 9.71 5.00
N SER C 53 -11.72 9.20 6.20
CA SER C 53 -11.57 7.76 6.39
C SER C 53 -12.68 6.98 5.72
N LEU C 54 -13.88 7.52 5.79
CA LEU C 54 -15.03 6.92 5.10
C LEU C 54 -14.79 6.97 3.61
N LEU C 55 -14.49 8.16 3.12
CA LEU C 55 -14.18 8.33 1.71
C LEU C 55 -13.17 7.29 1.24
N LYS C 56 -12.15 7.04 2.08
CA LYS C 56 -11.09 6.03 1.83
C LYS C 56 -11.68 4.69 1.39
N GLU C 57 -12.93 4.43 1.74
CA GLU C 57 -13.49 3.13 1.45
C GLU C 57 -14.65 3.15 0.45
N LEU C 58 -14.82 4.29 -0.20
CA LEU C 58 -16.01 4.52 -0.99
C LEU C 58 -15.57 4.86 -2.40
N ASN C 59 -14.93 3.88 -3.01
CA ASN C 59 -14.51 3.97 -4.38
C ASN C 59 -15.65 3.45 -5.25
N HIS C 60 -16.35 4.41 -5.85
CA HIS C 60 -17.50 4.13 -6.69
C HIS C 60 -17.54 5.21 -7.77
N PRO C 61 -17.94 4.82 -8.99
CA PRO C 61 -18.17 5.82 -10.06
C PRO C 61 -19.01 7.03 -9.58
N ASN C 62 -20.05 6.81 -8.76
CA ASN C 62 -20.99 7.90 -8.31
C ASN C 62 -20.76 8.52 -6.94
N ILE C 63 -19.57 8.31 -6.36
CA ILE C 63 -19.11 9.01 -5.19
C ILE C 63 -17.84 9.79 -5.54
N VAL C 64 -17.72 11.05 -5.15
CA VAL C 64 -16.46 11.76 -5.45
C VAL C 64 -15.23 10.96 -5.01
N LYS C 65 -14.34 10.78 -5.97
CA LYS C 65 -13.00 10.27 -5.74
C LYS C 65 -12.15 11.25 -4.90
N LEU C 66 -11.66 10.73 -3.79
CA LEU C 66 -10.66 11.40 -2.96
C LEU C 66 -9.24 11.25 -3.57
N LEU C 67 -8.56 12.34 -3.90
CA LEU C 67 -7.31 12.15 -4.67
C LEU C 67 -6.10 12.16 -3.79
N ASP C 68 -6.21 12.89 -2.68
CA ASP C 68 -5.05 13.20 -1.88
C ASP C 68 -5.36 14.04 -0.65
N VAL C 69 -4.53 13.86 0.37
CA VAL C 69 -4.67 14.58 1.60
C VAL C 69 -3.33 15.24 1.77
N ILE C 70 -3.30 16.55 1.86
CA ILE C 70 -2.07 17.25 2.18
C ILE C 70 -2.22 17.83 3.60
N HIS C 71 -1.37 17.39 4.52
CA HIS C 71 -1.53 17.72 5.92
C HIS C 71 -0.39 18.59 6.42
N THR C 72 -0.27 19.81 5.86
CA THR C 72 0.62 20.87 6.41
C THR C 72 0.07 21.36 7.76
N GLU C 73 0.80 21.13 8.85
CA GLU C 73 0.21 21.07 10.21
C GLU C 73 -0.55 22.29 10.72
N ASN C 74 -0.71 23.28 9.82
CA ASN C 74 -1.40 24.57 10.05
C ASN C 74 -2.80 24.61 9.37
N LYS C 75 -2.88 24.02 8.18
CA LYS C 75 -4.13 23.81 7.46
C LYS C 75 -4.06 22.39 6.92
N LEU C 76 -5.22 21.76 6.75
CA LEU C 76 -5.32 20.51 6.03
C LEU C 76 -6.01 20.81 4.71
N TYR C 77 -5.71 20.01 3.68
CA TYR C 77 -6.44 20.11 2.41
C TYR C 77 -6.83 18.74 1.89
N LEU C 78 -8.07 18.55 1.51
CA LEU C 78 -8.37 17.36 0.73
C LEU C 78 -8.44 17.71 -0.76
N VAL C 79 -7.86 16.89 -1.60
CA VAL C 79 -7.83 17.11 -3.04
C VAL C 79 -8.79 16.15 -3.76
N PHE C 80 -9.88 16.70 -4.30
CA PHE C 80 -10.86 15.90 -5.04
C PHE C 80 -10.78 16.01 -6.56
N GLU C 81 -11.29 14.98 -7.25
CA GLU C 81 -11.63 15.12 -8.68
C GLU C 81 -12.57 16.31 -8.86
N PHE C 82 -12.38 17.09 -9.92
CA PHE C 82 -13.11 18.34 -10.06
C PHE C 82 -14.23 18.15 -11.02
N LEU C 83 -15.45 18.15 -10.51
CA LEU C 83 -16.60 18.13 -11.36
C LEU C 83 -17.11 19.56 -11.48
N HIS C 84 -18.04 19.76 -12.39
CA HIS C 84 -18.15 21.03 -13.07
C HIS C 84 -19.09 22.02 -12.38
N GLN C 85 -20.17 21.47 -11.80
CA GLN C 85 -21.03 22.22 -10.87
C GLN C 85 -21.92 21.30 -10.04
N ASP C 86 -22.62 21.90 -9.10
CA ASP C 86 -23.48 21.12 -8.24
C ASP C 86 -24.91 21.16 -8.73
N LEU C 87 -25.71 20.18 -8.30
CA LEU C 87 -27.09 20.08 -8.77
C LEU C 87 -27.99 21.29 -8.39
N LYS C 88 -27.67 22.04 -7.33
CA LYS C 88 -28.42 23.27 -7.04
C LYS C 88 -28.15 24.41 -8.05
N LYS C 89 -26.92 24.48 -8.54
CA LYS C 89 -26.54 25.45 -9.56
C LYS C 89 -27.19 25.05 -10.88
N PHE C 90 -27.17 23.75 -11.15
CA PHE C 90 -27.76 23.22 -12.39
C PHE C 90 -29.26 23.42 -12.40
N MET C 91 -29.93 23.06 -11.31
CA MET C 91 -31.36 23.36 -11.18
C MET C 91 -31.65 24.86 -11.25
N ASP C 92 -30.78 25.74 -10.77
CA ASP C 92 -31.09 27.17 -10.91
C ASP C 92 -30.95 27.66 -12.36
N ALA C 93 -30.01 27.07 -13.10
CA ALA C 93 -29.88 27.31 -14.51
C ALA C 93 -31.13 26.85 -15.31
N SER C 94 -31.74 25.73 -14.93
CA SER C 94 -32.87 25.19 -15.71
C SER C 94 -34.24 25.36 -15.10
N ALA C 95 -34.30 26.07 -13.97
CA ALA C 95 -35.54 26.39 -13.26
C ALA C 95 -36.74 26.76 -14.15
N LEU C 96 -36.52 27.40 -15.30
CA LEU C 96 -37.65 27.78 -16.19
C LEU C 96 -37.82 26.84 -17.42
N THR C 97 -36.72 26.24 -17.87
CA THR C 97 -36.79 25.37 -19.05
C THR C 97 -37.20 23.92 -18.73
N GLY C 98 -37.21 23.59 -17.44
CA GLY C 98 -37.33 22.20 -17.02
C GLY C 98 -36.02 21.46 -17.25
N ILE C 99 -35.82 20.40 -16.46
CA ILE C 99 -34.83 19.35 -16.69
C ILE C 99 -35.55 18.15 -17.36
N PRO C 100 -35.07 17.71 -18.53
CA PRO C 100 -35.80 16.61 -19.20
C PRO C 100 -35.91 15.35 -18.35
N LEU C 101 -37.08 14.71 -18.40
CA LEU C 101 -37.38 13.43 -17.72
C LEU C 101 -36.28 12.36 -17.80
N PRO C 102 -35.84 11.98 -19.02
CA PRO C 102 -34.81 10.90 -19.10
C PRO C 102 -33.45 11.20 -18.41
N LEU C 103 -33.08 12.49 -18.28
CA LEU C 103 -31.89 12.91 -17.53
C LEU C 103 -32.17 12.88 -16.02
N ILE C 104 -33.41 13.21 -15.62
CA ILE C 104 -33.79 13.06 -14.23
C ILE C 104 -33.62 11.60 -13.87
N LYS C 105 -34.20 10.73 -14.71
CA LYS C 105 -34.25 9.30 -14.51
C LYS C 105 -32.83 8.79 -14.40
N SER C 106 -31.92 9.46 -15.11
CA SER C 106 -30.54 9.01 -15.20
C SER C 106 -29.85 9.37 -13.93
N TYR C 107 -29.98 10.64 -13.54
CA TYR C 107 -29.33 11.15 -12.34
C TYR C 107 -29.77 10.40 -11.13
N LEU C 108 -31.07 10.10 -11.08
CA LEU C 108 -31.64 9.41 -9.94
C LEU C 108 -30.97 8.06 -9.78
N PHE C 109 -30.91 7.34 -10.88
CA PHE C 109 -30.43 5.97 -10.94
C PHE C 109 -29.00 5.99 -10.44
N GLN C 110 -28.23 6.99 -10.84
CA GLN C 110 -26.80 6.98 -10.45
C GLN C 110 -26.66 7.25 -8.98
N LEU C 111 -27.52 8.11 -8.46
CA LEU C 111 -27.57 8.36 -7.04
C LEU C 111 -27.86 7.07 -6.27
N LEU C 112 -28.95 6.39 -6.60
CA LEU C 112 -29.32 5.16 -5.94
C LEU C 112 -28.12 4.16 -5.94
N GLN C 113 -27.52 3.95 -7.10
CA GLN C 113 -26.33 3.15 -7.14
C GLN C 113 -25.22 3.59 -6.18
N GLY C 114 -24.91 4.90 -6.15
CA GLY C 114 -23.96 5.48 -5.21
C GLY C 114 -24.36 5.12 -3.78
N LEU C 115 -25.64 5.32 -3.47
CA LEU C 115 -26.14 5.14 -2.15
C LEU C 115 -26.19 3.65 -1.80
N ALA C 116 -26.65 2.79 -2.70
CA ALA C 116 -26.49 1.33 -2.49
C ALA C 116 -25.06 0.94 -2.04
N PHE C 117 -24.04 1.57 -2.63
CA PHE C 117 -22.67 1.27 -2.29
C PHE C 117 -22.34 1.80 -0.91
N CYS C 118 -22.71 3.07 -0.64
CA CYS C 118 -22.56 3.66 0.69
C CYS C 118 -23.17 2.78 1.78
N HIS C 119 -24.45 2.44 1.58
CA HIS C 119 -25.20 1.70 2.55
C HIS C 119 -24.67 0.29 2.65
N SER C 120 -24.00 -0.19 1.62
CA SER C 120 -23.54 -1.57 1.67
C SER C 120 -22.25 -1.73 2.49
N HIS C 121 -21.65 -0.59 2.78
CA HIS C 121 -20.35 -0.47 3.41
C HIS C 121 -20.60 0.27 4.69
N ARG C 122 -21.83 0.14 5.18
CA ARG C 122 -22.26 0.60 6.50
C ARG C 122 -21.92 2.07 6.79
N VAL C 123 -22.07 2.90 5.77
CA VAL C 123 -21.90 4.34 5.84
C VAL C 123 -23.22 5.04 5.52
N LEU C 124 -23.49 6.17 6.18
CA LEU C 124 -24.71 6.92 6.03
C LEU C 124 -24.34 8.32 5.61
N HIS C 125 -24.97 8.81 4.55
CA HIS C 125 -24.51 10.07 4.13
C HIS C 125 -24.93 11.24 5.07
N ARG C 126 -26.24 11.34 5.28
CA ARG C 126 -26.79 12.28 6.27
C ARG C 126 -26.86 13.73 5.83
N ASP C 127 -26.27 14.12 4.70
CA ASP C 127 -26.46 15.46 4.25
C ASP C 127 -26.69 15.59 2.75
N LEU C 128 -27.58 14.73 2.22
CA LEU C 128 -27.92 14.76 0.81
C LEU C 128 -28.80 15.98 0.54
N LYS C 129 -28.21 16.99 -0.05
CA LYS C 129 -29.02 18.09 -0.50
C LYS C 129 -28.51 18.36 -1.92
N PRO C 130 -29.17 19.23 -2.68
CA PRO C 130 -28.66 19.40 -4.04
C PRO C 130 -27.28 19.97 -4.09
N GLN C 131 -26.92 20.93 -3.23
CA GLN C 131 -25.53 21.49 -3.28
C GLN C 131 -24.41 20.52 -2.87
N ASN C 132 -24.79 19.31 -2.41
CA ASN C 132 -23.87 18.20 -2.17
C ASN C 132 -23.84 17.14 -3.31
N LEU C 133 -24.53 17.43 -4.40
CA LEU C 133 -24.47 16.49 -5.52
C LEU C 133 -23.74 17.13 -6.70
N LEU C 134 -22.80 16.39 -7.25
CA LEU C 134 -22.00 16.93 -8.32
C LEU C 134 -22.18 16.22 -9.65
N ILE C 135 -22.13 17.05 -10.70
CA ILE C 135 -22.32 16.61 -12.09
C ILE C 135 -21.22 17.15 -12.99
N ASN C 136 -20.74 16.30 -13.86
CA ASN C 136 -19.75 16.69 -14.85
C ASN C 136 -20.43 16.89 -16.21
N THR C 137 -19.63 17.09 -17.26
CA THR C 137 -20.19 17.53 -18.54
C THR C 137 -20.68 16.34 -19.37
N GLU C 138 -20.09 15.18 -19.07
CA GLU C 138 -20.39 13.91 -19.71
C GLU C 138 -21.71 13.21 -19.25
N GLY C 139 -22.43 13.75 -18.29
CA GLY C 139 -23.74 13.16 -17.88
C GLY C 139 -23.77 12.41 -16.55
N ALA C 140 -22.66 12.47 -15.82
CA ALA C 140 -22.52 11.76 -14.56
C ALA C 140 -22.98 12.60 -13.36
N ILE C 141 -23.31 11.89 -12.28
CA ILE C 141 -23.60 12.48 -10.98
C ILE C 141 -22.96 11.68 -9.78
N LYS C 142 -22.55 12.41 -8.77
CA LYS C 142 -21.78 11.84 -7.70
C LYS C 142 -22.16 12.49 -6.38
N LEU C 143 -22.37 11.68 -5.35
CA LEU C 143 -22.54 12.19 -3.99
C LEU C 143 -21.22 12.80 -3.50
N ALA C 144 -21.29 13.89 -2.77
CA ALA C 144 -20.09 14.58 -2.27
C ALA C 144 -20.36 15.05 -0.86
N ASP C 145 -19.35 15.65 -0.25
CA ASP C 145 -19.36 16.07 1.16
C ASP C 145 -19.81 14.98 2.14
N PHE C 146 -18.87 14.27 2.72
CA PHE C 146 -19.17 13.18 3.63
C PHE C 146 -18.79 13.62 5.01
N GLY C 147 -18.53 14.92 5.12
CA GLY C 147 -18.17 15.51 6.41
C GLY C 147 -19.15 15.17 7.53
N LEU C 148 -20.40 14.93 7.14
CA LEU C 148 -21.45 14.58 8.10
C LEU C 148 -21.92 13.13 8.06
N ALA C 149 -21.20 12.29 7.34
CA ALA C 149 -21.53 10.90 7.20
C ALA C 149 -21.12 10.19 8.46
N ARG C 150 -21.57 8.96 8.62
CA ARG C 150 -20.96 8.22 9.66
C ARG C 150 -21.11 6.73 9.42
N ALA C 151 -20.17 5.97 9.98
CA ALA C 151 -20.15 4.51 9.91
C ALA C 151 -21.19 3.99 10.87
N PHE C 152 -22.02 3.11 10.40
CA PHE C 152 -23.03 2.58 11.27
C PHE C 152 -22.87 1.09 11.57
N GLY C 153 -23.50 0.62 12.62
CA GLY C 153 -23.41 -0.78 12.98
C GLY C 153 -24.74 -1.46 12.78
N VAL C 154 -24.75 -2.76 12.96
CA VAL C 154 -25.96 -3.57 12.78
C VAL C 154 -26.24 -4.34 14.05
N PRO C 155 -27.34 -4.02 14.76
CA PRO C 155 -28.33 -2.92 14.56
C PRO C 155 -27.74 -1.55 14.89
N VAL C 156 -28.49 -0.47 14.66
CA VAL C 156 -27.89 0.84 14.91
C VAL C 156 -27.92 1.21 16.40
N ARG C 157 -27.27 2.32 16.77
CA ARG C 157 -27.20 2.69 18.17
C ARG C 157 -27.28 4.20 18.51
N THR C 158 -28.12 4.96 17.83
CA THR C 158 -28.40 6.30 18.35
C THR C 158 -27.25 7.19 18.03
N TYR C 159 -27.41 7.96 16.98
CA TYR C 159 -26.30 8.72 16.46
C TYR C 159 -26.61 10.18 16.74
N TPO C 160 -25.82 11.12 16.25
CA TPO C 160 -26.13 12.52 16.44
CB TPO C 160 -25.19 13.35 15.57
CG2 TPO C 160 -25.38 14.83 15.91
OG1 TPO C 160 -23.86 13.03 15.91
P TPO C 160 -22.87 12.05 15.12
O1P TPO C 160 -21.49 11.91 15.93
O2P TPO C 160 -23.53 10.62 14.98
O3P TPO C 160 -22.58 12.65 13.70
C TPO C 160 -27.59 12.73 16.09
O TPO C 160 -28.00 12.38 15.00
N HIS C 161 -28.39 13.26 17.01
CA HIS C 161 -29.78 13.61 16.63
C HIS C 161 -29.82 14.78 15.61
N GLU C 162 -28.94 15.75 15.83
CA GLU C 162 -28.93 17.05 15.14
C GLU C 162 -28.45 16.89 13.65
N VAL C 163 -29.37 16.48 12.78
CA VAL C 163 -28.90 15.82 11.55
C VAL C 163 -29.72 16.16 10.28
N VAL C 164 -29.04 16.19 9.13
CA VAL C 164 -29.69 16.55 7.87
C VAL C 164 -30.26 17.97 7.76
N THR C 165 -29.92 18.65 6.68
CA THR C 165 -30.44 19.96 6.39
C THR C 165 -31.96 19.94 6.48
N LEU C 166 -32.51 20.99 7.10
CA LEU C 166 -33.92 20.97 7.47
C LEU C 166 -34.85 20.41 6.36
N TRP C 167 -34.74 20.91 5.14
CA TRP C 167 -35.70 20.55 4.08
C TRP C 167 -35.72 19.06 3.66
N TYR C 168 -34.71 18.28 4.03
CA TYR C 168 -34.56 16.93 3.48
C TYR C 168 -34.57 15.88 4.60
N ARG C 169 -35.12 16.22 5.74
CA ARG C 169 -35.00 15.40 6.94
C ARG C 169 -36.21 14.45 7.10
N ALA C 170 -35.93 13.16 7.26
CA ALA C 170 -36.99 12.13 7.43
C ALA C 170 -37.86 12.35 8.66
N PRO C 171 -39.15 12.04 8.54
CA PRO C 171 -40.09 12.19 9.61
C PRO C 171 -39.52 11.62 10.88
N GLU C 172 -39.08 10.36 10.84
CA GLU C 172 -38.59 9.70 12.05
C GLU C 172 -37.62 10.59 12.85
N ILE C 173 -36.88 11.47 12.16
CA ILE C 173 -35.89 12.29 12.85
C ILE C 173 -36.62 13.46 13.51
N LEU C 174 -37.48 14.10 12.76
CA LEU C 174 -38.31 15.18 13.29
C LEU C 174 -39.13 14.78 14.49
N LEU C 175 -39.80 13.63 14.43
CA LEU C 175 -40.60 13.18 15.53
C LEU C 175 -39.70 12.63 16.62
N GLY C 176 -38.40 12.64 16.37
CA GLY C 176 -37.42 12.44 17.44
C GLY C 176 -37.18 11.01 17.85
N CYS C 177 -37.35 10.07 16.94
CA CYS C 177 -36.87 8.71 17.17
C CYS C 177 -35.42 8.62 17.75
N LYS C 178 -35.19 7.55 18.50
CA LYS C 178 -33.89 7.27 19.13
C LYS C 178 -33.00 6.62 18.05
N TYR C 179 -33.65 5.90 17.14
CA TYR C 179 -33.00 5.13 16.11
C TYR C 179 -33.33 5.71 14.76
N TYR C 180 -32.31 5.73 13.94
CA TYR C 180 -32.50 5.98 12.55
C TYR C 180 -31.34 5.29 11.85
N SER C 181 -31.52 5.12 10.56
CA SER C 181 -30.64 4.29 9.79
C SER C 181 -30.74 4.73 8.33
N THR C 182 -30.43 3.78 7.45
CA THR C 182 -30.28 4.02 6.02
C THR C 182 -31.53 4.52 5.39
N ALA C 183 -32.67 4.30 6.01
CA ALA C 183 -33.94 4.79 5.46
C ALA C 183 -34.01 6.29 5.44
N VAL C 184 -33.08 6.97 6.07
CA VAL C 184 -33.15 8.43 6.05
C VAL C 184 -32.57 9.01 4.81
N ASP C 185 -31.60 8.32 4.20
CA ASP C 185 -30.95 8.94 3.00
C ASP C 185 -31.89 8.81 1.82
N ILE C 186 -32.40 7.59 1.59
CA ILE C 186 -33.62 7.31 0.81
C ILE C 186 -34.70 8.40 0.85
N TRP C 187 -35.02 8.87 2.06
CA TRP C 187 -35.98 9.92 2.18
C TRP C 187 -35.42 11.17 1.57
N SER C 188 -34.16 11.48 1.76
CA SER C 188 -33.62 12.71 1.09
C SER C 188 -33.58 12.51 -0.45
N LEU C 189 -33.55 11.25 -0.89
CA LEU C 189 -33.59 11.05 -2.34
C LEU C 189 -34.99 11.39 -2.88
N GLY C 190 -36.00 10.71 -2.33
CA GLY C 190 -37.37 11.15 -2.48
C GLY C 190 -37.52 12.65 -2.76
N CYS C 191 -36.96 13.51 -1.89
CA CYS C 191 -37.16 14.96 -1.97
C CYS C 191 -36.46 15.50 -3.18
N ILE C 192 -35.19 15.19 -3.34
CA ILE C 192 -34.41 15.81 -4.40
C ILE C 192 -34.93 15.39 -5.78
N PHE C 193 -35.38 14.12 -5.86
CA PHE C 193 -36.13 13.59 -7.01
C PHE C 193 -37.24 14.58 -7.35
N ALA C 194 -38.10 14.86 -6.37
CA ALA C 194 -39.28 15.68 -6.58
C ALA C 194 -38.82 17.10 -6.99
N GLU C 195 -37.80 17.61 -6.30
CA GLU C 195 -37.15 18.85 -6.65
C GLU C 195 -36.62 18.90 -8.07
N MET C 196 -36.18 17.78 -8.63
CA MET C 196 -35.75 17.82 -10.03
C MET C 196 -36.99 17.98 -10.95
N VAL C 197 -37.99 17.11 -10.75
CA VAL C 197 -39.23 17.18 -11.49
C VAL C 197 -39.84 18.62 -11.56
N THR C 198 -40.01 19.30 -10.43
CA THR C 198 -40.79 20.55 -10.36
C THR C 198 -39.97 21.83 -10.21
N ARG C 199 -38.70 21.70 -9.86
CA ARG C 199 -37.80 22.84 -9.68
C ARG C 199 -38.19 23.78 -8.52
N ARG C 200 -39.19 23.41 -7.73
CA ARG C 200 -39.22 23.92 -6.34
C ARG C 200 -39.03 22.74 -5.38
N ALA C 201 -38.55 23.05 -4.18
CA ALA C 201 -38.29 22.07 -3.15
C ALA C 201 -39.61 21.50 -2.70
N LEU C 202 -39.65 20.20 -2.48
CA LEU C 202 -40.84 19.55 -1.95
C LEU C 202 -41.39 20.17 -0.65
N PHE C 203 -40.55 20.34 0.37
CA PHE C 203 -40.98 20.70 1.72
C PHE C 203 -40.08 21.79 2.30
N PRO C 204 -40.28 23.04 1.88
CA PRO C 204 -39.39 24.13 2.33
C PRO C 204 -39.77 24.80 3.67
N GLY C 205 -39.92 24.01 4.74
CA GLY C 205 -40.27 24.53 6.05
C GLY C 205 -39.25 25.51 6.62
N ASP C 206 -39.64 26.25 7.66
CA ASP C 206 -38.76 27.26 8.28
C ASP C 206 -38.45 26.99 9.76
N SER C 207 -39.01 25.91 10.30
CA SER C 207 -38.68 25.37 11.63
C SER C 207 -39.04 23.90 11.61
N GLU C 208 -38.65 23.17 12.65
CA GLU C 208 -38.93 21.73 12.67
C GLU C 208 -40.42 21.42 12.53
N ILE C 209 -41.27 22.20 13.19
CA ILE C 209 -42.70 21.89 13.18
C ILE C 209 -43.31 22.25 11.82
N ASP C 210 -43.02 23.46 11.34
CA ASP C 210 -43.39 23.88 9.99
C ASP C 210 -43.06 22.76 8.97
N GLN C 211 -41.86 22.17 9.11
CA GLN C 211 -41.41 21.09 8.22
C GLN C 211 -42.28 19.85 8.28
N LEU C 212 -42.68 19.45 9.48
CA LEU C 212 -43.60 18.36 9.73
C LEU C 212 -44.95 18.62 9.12
N PHE C 213 -45.48 19.81 9.36
CA PHE C 213 -46.79 20.17 8.83
C PHE C 213 -46.79 20.18 7.30
N ARG C 214 -45.68 20.58 6.70
CA ARG C 214 -45.55 20.51 5.26
C ARG C 214 -45.60 19.09 4.73
N ILE C 215 -45.09 18.15 5.51
CA ILE C 215 -45.07 16.77 5.07
C ILE C 215 -46.49 16.22 5.25
N PHE C 216 -47.06 16.49 6.43
CA PHE C 216 -48.44 16.16 6.75
C PHE C 216 -49.46 16.71 5.73
N ARG C 217 -49.36 17.99 5.38
CA ARG C 217 -50.27 18.50 4.36
C ARG C 217 -50.14 17.72 3.06
N THR C 218 -48.98 17.13 2.80
CA THR C 218 -48.75 16.61 1.47
C THR C 218 -49.02 15.14 1.38
N LEU C 219 -48.64 14.42 2.42
CA LEU C 219 -48.71 12.99 2.37
C LEU C 219 -49.71 12.49 3.39
N GLY C 220 -50.38 13.41 4.08
CA GLY C 220 -51.37 13.03 5.07
C GLY C 220 -50.70 12.97 6.40
N THR C 221 -51.45 13.21 7.47
CA THR C 221 -50.93 12.98 8.81
C THR C 221 -50.99 11.48 9.07
N PRO C 222 -49.87 10.88 9.50
CA PRO C 222 -49.75 9.47 9.83
C PRO C 222 -50.54 9.05 11.06
N ASP C 223 -50.96 7.78 11.09
CA ASP C 223 -51.64 7.15 12.24
C ASP C 223 -51.07 5.75 12.40
N GLU C 224 -51.47 5.04 13.45
CA GLU C 224 -50.94 3.69 13.72
C GLU C 224 -51.10 2.67 12.55
N VAL C 225 -51.85 3.05 11.51
CA VAL C 225 -52.16 2.14 10.40
C VAL C 225 -51.12 2.32 9.31
N VAL C 226 -50.84 3.57 8.95
CA VAL C 226 -49.78 3.88 7.98
C VAL C 226 -48.35 3.69 8.58
N TRP C 227 -48.20 3.85 9.91
CA TRP C 227 -46.88 3.79 10.62
C TRP C 227 -47.03 3.40 12.11
N PRO C 228 -46.99 2.09 12.42
CA PRO C 228 -47.15 1.57 13.80
C PRO C 228 -46.06 2.10 14.71
N GLY C 229 -46.45 2.63 15.87
CA GLY C 229 -45.48 3.29 16.72
C GLY C 229 -45.55 4.81 16.77
N VAL C 230 -46.05 5.47 15.69
CA VAL C 230 -46.00 6.95 15.60
C VAL C 230 -46.45 7.73 16.81
N THR C 231 -47.61 7.34 17.35
CA THR C 231 -48.27 8.01 18.49
C THR C 231 -47.44 8.03 19.76
N SER C 232 -46.49 7.10 19.89
CA SER C 232 -45.67 7.01 21.10
C SER C 232 -44.26 7.56 20.92
N MET C 233 -43.94 8.04 19.71
CA MET C 233 -42.66 8.72 19.45
C MET C 233 -42.54 9.97 20.30
N PRO C 234 -41.33 10.29 20.77
CA PRO C 234 -41.11 11.40 21.70
C PRO C 234 -41.83 12.71 21.39
N ASP C 235 -42.01 13.04 20.11
CA ASP C 235 -42.44 14.39 19.76
C ASP C 235 -43.79 14.41 19.12
N TYR C 236 -44.38 13.24 18.99
CA TYR C 236 -45.69 13.12 18.43
C TYR C 236 -46.75 13.72 19.35
N LYS C 237 -47.56 14.63 18.86
CA LYS C 237 -48.66 15.12 19.69
C LYS C 237 -49.99 14.68 19.10
N PRO C 238 -50.85 14.02 19.92
CA PRO C 238 -52.18 13.71 19.36
C PRO C 238 -52.87 14.95 18.81
N SER C 239 -52.37 16.13 19.18
CA SER C 239 -52.91 17.43 18.69
C SER C 239 -52.77 17.66 17.17
N PHE C 240 -51.72 17.11 16.54
CA PHE C 240 -51.42 17.41 15.14
C PHE C 240 -52.68 17.40 14.29
N PRO C 241 -52.83 18.40 13.41
CA PRO C 241 -53.96 18.34 12.49
C PRO C 241 -54.06 16.99 11.76
N LYS C 242 -55.25 16.62 11.30
CA LYS C 242 -55.35 15.43 10.50
C LYS C 242 -55.70 15.80 9.08
N TRP C 243 -54.69 15.77 8.25
CA TRP C 243 -54.82 16.12 6.84
C TRP C 243 -54.91 14.88 6.01
N ALA C 244 -55.44 15.02 4.81
CA ALA C 244 -55.51 13.89 3.95
C ALA C 244 -54.27 13.90 3.07
N ARG C 245 -53.98 12.73 2.52
CA ARG C 245 -52.99 12.57 1.46
C ARG C 245 -53.36 13.42 0.27
N GLN C 246 -52.51 13.45 -0.73
CA GLN C 246 -52.82 14.12 -1.97
C GLN C 246 -52.53 13.13 -3.08
N ASP C 247 -52.99 13.43 -4.28
CA ASP C 247 -52.62 12.65 -5.43
C ASP C 247 -51.35 13.26 -5.93
N PHE C 248 -50.37 12.38 -6.06
CA PHE C 248 -49.10 12.78 -6.57
C PHE C 248 -49.09 13.41 -7.93
N SER C 249 -50.13 13.14 -8.72
CA SER C 249 -50.35 13.85 -9.97
C SER C 249 -50.36 15.38 -9.72
N LYS C 250 -50.90 15.79 -8.58
CA LYS C 250 -50.92 17.22 -8.23
C LYS C 250 -49.61 17.67 -7.56
N VAL C 251 -49.01 16.76 -6.79
CA VAL C 251 -47.74 17.02 -6.13
C VAL C 251 -46.60 17.11 -7.15
N VAL C 252 -46.53 16.12 -8.04
CA VAL C 252 -45.50 16.14 -9.07
C VAL C 252 -46.13 15.96 -10.44
N PRO C 253 -46.64 17.06 -11.03
CA PRO C 253 -47.40 16.94 -12.26
C PRO C 253 -46.65 16.33 -13.44
N PRO C 254 -45.39 16.75 -13.71
CA PRO C 254 -44.72 16.20 -14.91
C PRO C 254 -44.24 14.72 -14.92
N LEU C 255 -44.73 13.86 -14.01
CA LEU C 255 -44.15 12.52 -13.77
C LEU C 255 -45.08 11.30 -13.99
N ASP C 256 -44.62 10.29 -14.73
CA ASP C 256 -45.49 9.18 -15.15
C ASP C 256 -45.81 8.20 -14.04
N GLU C 257 -46.72 7.28 -14.32
CA GLU C 257 -47.23 6.33 -13.34
C GLU C 257 -46.14 5.57 -12.63
N ASP C 258 -45.10 5.18 -13.34
CA ASP C 258 -44.01 4.38 -12.76
C ASP C 258 -43.09 5.24 -11.89
N GLY C 259 -42.84 6.46 -12.34
CA GLY C 259 -42.11 7.47 -11.55
C GLY C 259 -42.78 7.84 -10.24
N ARG C 260 -44.11 7.86 -10.24
CA ARG C 260 -44.86 8.28 -9.08
C ARG C 260 -44.97 7.21 -8.01
N SER C 261 -44.99 5.94 -8.43
CA SER C 261 -45.03 4.85 -7.47
C SER C 261 -43.63 4.59 -6.89
N LEU C 262 -42.59 5.10 -7.54
CA LEU C 262 -41.27 5.12 -6.94
C LEU C 262 -41.12 6.26 -5.93
N LEU C 263 -41.45 7.50 -6.32
CA LEU C 263 -41.42 8.59 -5.38
C LEU C 263 -42.18 8.17 -4.10
N SER C 264 -43.36 7.61 -4.27
CA SER C 264 -44.16 7.33 -3.09
C SER C 264 -43.56 6.24 -2.22
N GLN C 265 -42.79 5.32 -2.79
CA GLN C 265 -42.09 4.37 -1.97
C GLN C 265 -40.88 4.96 -1.28
N MET C 266 -40.30 6.00 -1.84
CA MET C 266 -39.18 6.68 -1.18
C MET C 266 -39.67 7.60 -0.05
N LEU C 267 -40.92 8.02 -0.11
CA LEU C 267 -41.43 8.88 0.90
C LEU C 267 -42.39 8.21 1.87
N HIS C 268 -42.40 6.88 1.89
CA HIS C 268 -43.17 6.16 2.87
C HIS C 268 -42.81 6.67 4.29
N TYR C 269 -43.83 6.92 5.13
CA TYR C 269 -43.59 7.33 6.52
C TYR C 269 -42.76 6.33 7.31
N ASP C 270 -43.13 5.05 7.24
CA ASP C 270 -42.50 3.99 8.05
C ASP C 270 -41.07 3.68 7.59
N PRO C 271 -40.01 4.11 8.36
CA PRO C 271 -38.65 3.82 7.92
C PRO C 271 -38.49 2.37 7.55
N ASN C 272 -39.20 1.47 8.20
CA ASN C 272 -39.07 0.07 7.86
C ASN C 272 -39.78 -0.35 6.57
N LYS C 273 -40.75 0.44 6.11
CA LYS C 273 -41.45 0.11 4.88
C LYS C 273 -40.78 0.77 3.67
N ARG C 274 -40.10 1.91 3.93
CA ARG C 274 -39.47 2.72 2.91
C ARG C 274 -38.62 1.80 1.99
N ILE C 275 -38.56 2.09 0.72
CA ILE C 275 -37.80 1.23 -0.21
C ILE C 275 -36.31 1.44 0.09
N SER C 276 -35.46 0.44 -0.13
CA SER C 276 -34.04 0.62 0.07
C SER C 276 -33.43 1.06 -1.27
N ALA C 277 -32.17 1.51 -1.29
CA ALA C 277 -31.56 1.92 -2.55
C ALA C 277 -31.46 0.74 -3.48
N LYS C 278 -31.13 -0.43 -2.92
CA LYS C 278 -30.87 -1.65 -3.71
C LYS C 278 -32.14 -2.11 -4.44
N ALA C 279 -33.26 -2.16 -3.72
CA ALA C 279 -34.51 -2.56 -4.37
C ALA C 279 -35.07 -1.47 -5.29
N ALA C 280 -34.72 -0.21 -5.01
CA ALA C 280 -35.18 0.89 -5.84
C ALA C 280 -34.60 0.73 -7.22
N LEU C 281 -33.32 0.40 -7.29
CA LEU C 281 -32.64 0.09 -8.55
C LEU C 281 -33.38 -0.96 -9.42
N ALA C 282 -34.07 -1.94 -8.81
CA ALA C 282 -34.91 -2.87 -9.58
C ALA C 282 -36.34 -2.36 -9.89
N HIS C 283 -36.58 -1.05 -9.75
CA HIS C 283 -37.92 -0.48 -9.94
C HIS C 283 -38.30 -0.37 -11.42
N PRO C 284 -39.60 -0.63 -11.77
CA PRO C 284 -40.06 -0.46 -13.18
C PRO C 284 -39.71 0.89 -13.80
N PHE C 285 -39.64 1.94 -12.99
CA PHE C 285 -39.21 3.27 -13.44
C PHE C 285 -37.94 3.21 -14.26
N PHE C 286 -37.20 2.11 -14.09
CA PHE C 286 -35.84 2.01 -14.59
C PHE C 286 -35.71 0.99 -15.75
N GLN C 287 -36.84 0.52 -16.29
CA GLN C 287 -36.89 -0.40 -17.46
C GLN C 287 -35.84 -0.09 -18.54
N ASP C 288 -35.89 1.12 -19.10
CA ASP C 288 -34.84 1.55 -20.06
C ASP C 288 -34.21 2.96 -19.76
N VAL C 289 -33.38 3.00 -18.73
CA VAL C 289 -32.66 4.23 -18.36
C VAL C 289 -31.43 4.42 -19.25
N THR C 290 -31.21 5.66 -19.69
CA THR C 290 -30.05 5.98 -20.53
C THR C 290 -29.14 6.99 -19.84
N LYS C 291 -28.06 7.39 -20.50
CA LYS C 291 -27.11 8.37 -19.95
C LYS C 291 -27.02 9.66 -20.80
N PRO C 292 -28.04 10.54 -20.72
CA PRO C 292 -27.88 11.80 -21.41
C PRO C 292 -26.90 12.76 -20.77
N VAL C 293 -26.36 13.62 -21.63
CA VAL C 293 -25.61 14.83 -21.28
C VAL C 293 -26.59 15.91 -20.78
N PRO C 294 -26.11 16.87 -19.96
CA PRO C 294 -26.92 18.06 -19.69
C PRO C 294 -26.79 19.20 -20.74
N HIS C 295 -27.83 19.35 -21.58
CA HIS C 295 -27.90 20.31 -22.74
C HIS C 295 -27.79 21.80 -22.30
N LEU C 296 -27.05 22.00 -21.21
CA LEU C 296 -26.68 23.32 -20.71
C LEU C 296 -25.24 23.18 -20.22
N VAL D 1 -33.11 -6.06 11.93
CA VAL D 1 -34.07 -5.86 10.77
C VAL D 1 -33.39 -5.34 9.45
N PRO D 2 -32.03 -5.50 9.32
CA PRO D 2 -31.36 -4.71 8.24
C PRO D 2 -31.92 -4.98 6.83
N ASP D 3 -31.53 -4.18 5.84
CA ASP D 3 -31.76 -4.52 4.41
C ASP D 3 -30.44 -5.06 3.86
N TYR D 4 -29.35 -4.62 4.50
CA TYR D 4 -28.01 -4.80 3.98
C TYR D 4 -27.22 -5.73 4.88
N HIS D 5 -27.93 -6.41 5.79
CA HIS D 5 -27.39 -7.43 6.68
C HIS D 5 -26.25 -8.23 6.07
N GLU D 6 -26.57 -9.09 5.10
CA GLU D 6 -25.63 -10.00 4.42
C GLU D 6 -24.46 -9.27 3.78
N ASP D 7 -24.78 -8.19 3.09
CA ASP D 7 -23.81 -7.33 2.47
C ASP D 7 -22.82 -6.79 3.45
N ILE D 8 -23.33 -6.29 4.56
CA ILE D 8 -22.50 -5.67 5.59
C ILE D 8 -21.54 -6.68 6.23
N HIS D 9 -22.13 -7.78 6.71
CA HIS D 9 -21.38 -8.91 7.24
C HIS D 9 -20.28 -9.31 6.29
N THR D 10 -20.63 -9.52 5.01
CA THR D 10 -19.65 -9.89 3.97
C THR D 10 -18.50 -8.89 3.83
N TYR D 11 -18.82 -7.62 3.87
CA TYR D 11 -17.81 -6.59 3.77
C TYR D 11 -16.93 -6.53 5.02
N LEU D 12 -17.52 -6.63 6.20
CA LEU D 12 -16.74 -6.64 7.42
C LEU D 12 -15.78 -7.81 7.48
N ARG D 13 -16.18 -8.95 6.90
CA ARG D 13 -15.32 -10.10 6.78
C ARG D 13 -14.17 -9.83 5.81
N GLU D 14 -14.40 -9.27 4.61
CA GLU D 14 -13.23 -8.91 3.81
C GLU D 14 -12.31 -7.94 4.59
N MET D 15 -12.94 -7.00 5.28
CA MET D 15 -12.25 -5.87 5.86
C MET D 15 -11.31 -6.22 7.01
N GLU D 16 -11.72 -7.15 7.85
CA GLU D 16 -10.97 -7.48 9.06
C GLU D 16 -9.64 -8.16 8.70
N VAL D 17 -9.61 -8.86 7.57
CA VAL D 17 -8.38 -9.47 7.10
C VAL D 17 -7.40 -8.37 6.71
N LYS D 18 -7.87 -7.30 6.09
CA LYS D 18 -7.00 -6.16 5.74
C LYS D 18 -6.53 -5.28 6.94
N CYS D 19 -7.38 -5.12 7.95
CA CYS D 19 -7.08 -4.26 9.09
C CYS D 19 -6.38 -4.99 10.25
N LYS D 20 -6.16 -6.31 10.09
CA LYS D 20 -5.38 -7.14 11.04
C LYS D 20 -4.01 -6.53 11.31
N PRO D 21 -3.65 -6.42 12.60
CA PRO D 21 -2.26 -6.12 13.00
C PRO D 21 -1.44 -7.39 12.81
N LYS D 22 -0.10 -7.27 12.72
CA LYS D 22 0.69 -8.48 12.52
C LYS D 22 0.89 -9.23 13.82
N VAL D 23 0.70 -10.55 13.74
CA VAL D 23 0.64 -11.42 14.90
C VAL D 23 1.75 -11.16 15.91
N GLY D 24 2.99 -11.22 15.47
CA GLY D 24 4.11 -11.17 16.38
C GLY D 24 4.93 -9.90 16.45
N TYR D 25 4.36 -8.77 16.04
CA TYR D 25 5.00 -7.47 16.14
C TYR D 25 5.70 -7.22 17.48
N MET D 26 5.23 -7.83 18.58
CA MET D 26 5.84 -7.54 19.88
C MET D 26 7.27 -8.16 19.99
N LYS D 27 7.40 -9.42 19.58
CA LYS D 27 8.73 -10.03 19.35
C LYS D 27 9.75 -9.09 18.67
N LYS D 28 9.29 -8.14 17.83
CA LYS D 28 10.21 -7.18 17.17
C LYS D 28 10.24 -5.77 17.85
N GLN D 29 9.65 -5.64 19.03
CA GLN D 29 9.70 -4.33 19.74
C GLN D 29 10.83 -4.34 20.79
N PRO D 30 11.88 -3.49 20.62
CA PRO D 30 13.05 -3.53 21.55
C PRO D 30 12.66 -3.26 23.00
N ASP D 31 11.81 -2.26 23.23
CA ASP D 31 11.56 -1.74 24.58
C ASP D 31 10.24 -2.17 25.26
N ILE D 32 9.25 -2.61 24.51
CA ILE D 32 7.97 -2.92 25.15
C ILE D 32 7.59 -4.38 24.95
N THR D 33 6.64 -4.83 25.77
CA THR D 33 6.24 -6.24 25.93
C THR D 33 4.73 -6.31 25.98
N ASN D 34 4.19 -7.51 25.92
CA ASN D 34 2.76 -7.69 26.03
C ASN D 34 2.24 -7.11 27.31
N SER D 35 3.09 -7.22 28.32
CA SER D 35 2.79 -6.97 29.69
C SER D 35 2.60 -5.47 29.81
N MET D 36 3.44 -4.71 29.10
CA MET D 36 3.22 -3.26 29.04
C MET D 36 1.97 -2.90 28.25
N ARG D 37 1.74 -3.57 27.12
CA ARG D 37 0.47 -3.47 26.38
C ARG D 37 -0.73 -3.60 27.33
N ALA D 38 -0.74 -4.67 28.13
CA ALA D 38 -1.85 -4.96 29.04
C ALA D 38 -2.11 -3.84 30.03
N ILE D 39 -1.09 -3.24 30.60
CA ILE D 39 -1.35 -2.17 31.51
C ILE D 39 -2.00 -1.05 30.75
N LEU D 40 -1.54 -0.82 29.52
CA LEU D 40 -2.14 0.21 28.67
C LEU D 40 -3.61 -0.08 28.34
N VAL D 41 -3.92 -1.28 27.84
CA VAL D 41 -5.29 -1.59 27.45
C VAL D 41 -6.21 -1.50 28.67
N ASP D 42 -5.84 -2.19 29.75
CA ASP D 42 -6.53 -2.01 31.01
C ASP D 42 -6.75 -0.54 31.43
N TRP D 43 -5.75 0.34 31.25
CA TRP D 43 -5.92 1.75 31.64
C TRP D 43 -6.95 2.44 30.73
N LEU D 44 -6.89 2.09 29.44
CA LEU D 44 -7.86 2.56 28.45
C LEU D 44 -9.28 2.21 28.88
N VAL D 45 -9.47 1.00 29.42
CA VAL D 45 -10.78 0.61 29.93
C VAL D 45 -11.25 1.58 30.98
N GLU D 46 -10.40 1.91 31.95
CA GLU D 46 -10.79 2.89 33.00
C GLU D 46 -11.07 4.27 32.40
N VAL D 47 -10.30 4.67 31.39
CA VAL D 47 -10.59 5.93 30.71
C VAL D 47 -11.98 5.92 30.09
N GLY D 48 -12.32 4.78 29.48
CA GLY D 48 -13.61 4.58 28.83
C GLY D 48 -14.77 4.74 29.77
N GLU D 49 -14.58 4.25 31.00
CA GLU D 49 -15.55 4.37 32.06
C GLU D 49 -15.65 5.79 32.58
N GLU D 50 -14.52 6.42 32.86
CA GLU D 50 -14.49 7.79 33.36
C GLU D 50 -15.28 8.76 32.48
N TYR D 51 -15.03 8.71 31.16
CA TYR D 51 -15.68 9.61 30.21
C TYR D 51 -16.90 8.99 29.51
N LYS D 52 -17.29 7.79 29.96
CA LYS D 52 -18.49 7.11 29.45
C LYS D 52 -18.53 7.01 27.93
N LEU D 53 -17.50 6.41 27.36
CA LEU D 53 -17.35 6.23 25.96
C LEU D 53 -17.87 4.87 25.60
N GLN D 54 -18.31 4.67 24.37
CA GLN D 54 -18.85 3.41 23.95
C GLN D 54 -17.79 2.34 23.93
N ASN D 55 -18.17 1.07 24.15
CA ASN D 55 -17.24 -0.05 24.11
C ASN D 55 -16.53 -0.20 22.76
N GLU D 56 -17.26 0.08 21.68
CA GLU D 56 -16.67 0.22 20.35
C GLU D 56 -15.47 1.17 20.31
N THR D 57 -15.59 2.37 20.88
CA THR D 57 -14.44 3.29 20.95
C THR D 57 -13.16 2.65 21.53
N LEU D 58 -13.32 1.87 22.58
CA LEU D 58 -12.24 1.07 23.17
C LEU D 58 -11.68 0.05 22.22
N HIS D 59 -12.56 -0.67 21.53
CA HIS D 59 -12.11 -1.64 20.52
C HIS D 59 -11.33 -1.02 19.36
N LEU D 60 -11.76 0.15 18.87
CA LEU D 60 -11.05 0.91 17.82
C LEU D 60 -9.67 1.35 18.31
N ALA D 61 -9.62 1.92 19.52
CA ALA D 61 -8.38 2.34 20.15
C ALA D 61 -7.38 1.22 20.09
N VAL D 62 -7.81 0.03 20.48
CA VAL D 62 -6.88 -1.08 20.55
C VAL D 62 -6.45 -1.48 19.18
N ASN D 63 -7.41 -1.50 18.25
CA ASN D 63 -7.11 -1.69 16.82
C ASN D 63 -6.03 -0.77 16.33
N TYR D 64 -6.22 0.56 16.47
CA TYR D 64 -5.22 1.57 16.10
C TYR D 64 -3.86 1.36 16.77
N ILE D 65 -3.81 1.20 18.08
CA ILE D 65 -2.56 0.87 18.79
C ILE D 65 -1.86 -0.41 18.20
N ASP D 66 -2.55 -1.55 18.17
CA ASP D 66 -1.93 -2.75 17.59
C ASP D 66 -1.35 -2.48 16.18
N ARG D 67 -2.15 -1.88 15.30
CA ARG D 67 -1.66 -1.61 13.94
C ARG D 67 -0.48 -0.64 13.96
N PHE D 68 -0.56 0.40 14.79
CA PHE D 68 0.52 1.31 14.85
C PHE D 68 1.82 0.62 15.30
N LEU D 69 1.74 -0.20 16.35
CA LEU D 69 2.93 -0.85 16.87
C LEU D 69 3.47 -1.93 15.89
N SER D 70 2.68 -2.26 14.87
CA SER D 70 3.10 -3.16 13.80
C SER D 70 4.01 -2.50 12.78
N SER D 71 4.02 -1.16 12.78
CA SER D 71 4.90 -0.41 11.86
C SER D 71 5.96 0.33 12.64
N MET D 72 5.67 0.79 13.86
CA MET D 72 6.65 1.66 14.51
C MET D 72 7.20 1.03 15.76
N SER D 73 8.49 1.24 16.01
CA SER D 73 9.04 0.96 17.33
C SER D 73 8.76 2.14 18.24
N VAL D 74 8.38 1.86 19.49
CA VAL D 74 8.08 2.92 20.49
C VAL D 74 8.80 2.62 21.81
N LEU D 75 9.20 3.67 22.54
CA LEU D 75 9.83 3.49 23.86
C LEU D 75 8.80 3.49 24.99
N ARG D 76 9.14 2.88 26.13
CA ARG D 76 8.10 2.63 27.12
C ARG D 76 7.48 3.92 27.61
N GLY D 77 8.30 4.96 27.67
CA GLY D 77 7.87 6.28 28.14
C GLY D 77 6.92 6.95 27.17
N LYS D 78 6.98 6.49 25.93
CA LYS D 78 6.13 7.07 24.91
C LYS D 78 4.89 6.19 24.65
N LEU D 79 4.85 4.98 25.22
CA LEU D 79 3.77 4.04 24.94
C LEU D 79 2.45 4.66 25.32
N GLN D 80 2.33 5.26 26.49
CA GLN D 80 1.05 5.88 26.82
C GLN D 80 0.62 6.99 25.86
N LEU D 81 1.58 7.72 25.27
CA LEU D 81 1.24 8.79 24.35
C LEU D 81 0.50 8.28 23.10
N VAL D 82 0.90 7.09 22.64
CA VAL D 82 0.27 6.46 21.50
C VAL D 82 -1.09 5.96 21.89
N GLY D 83 -1.26 5.44 23.11
CA GLY D 83 -2.62 5.05 23.58
C GLY D 83 -3.63 6.21 23.69
N THR D 84 -3.16 7.31 24.29
CA THR D 84 -3.94 8.53 24.39
C THR D 84 -4.46 8.95 23.05
N ALA D 85 -3.57 9.04 22.07
CA ALA D 85 -3.98 9.66 20.82
C ALA D 85 -4.80 8.67 19.98
N ALA D 86 -4.56 7.36 20.16
CA ALA D 86 -5.42 6.31 19.60
C ALA D 86 -6.84 6.37 20.16
N MET D 87 -6.96 6.58 21.47
CA MET D 87 -8.24 6.82 22.05
C MET D 87 -8.85 8.18 21.55
N LEU D 88 -8.03 9.23 21.43
CA LEU D 88 -8.59 10.52 20.99
C LEU D 88 -9.16 10.42 19.56
N LEU D 89 -8.40 9.77 18.69
CA LEU D 89 -8.90 9.40 17.40
C LEU D 89 -10.18 8.56 17.37
N ALA D 90 -10.22 7.46 18.12
CA ALA D 90 -11.43 6.60 18.11
C ALA D 90 -12.62 7.36 18.68
N SER D 91 -12.32 8.32 19.57
CA SER D 91 -13.31 9.23 20.12
C SER D 91 -13.91 10.08 18.98
N LYS D 92 -13.03 10.71 18.20
CA LYS D 92 -13.49 11.57 17.12
C LYS D 92 -14.25 10.77 16.08
N PHE D 93 -13.84 9.54 15.83
CA PHE D 93 -14.51 8.78 14.80
C PHE D 93 -15.90 8.24 15.24
N GLU D 94 -16.00 7.73 16.48
CA GLU D 94 -17.15 7.00 16.95
C GLU D 94 -18.08 7.77 17.87
N GLU D 95 -17.57 8.76 18.59
CA GLU D 95 -18.41 9.43 19.62
C GLU D 95 -19.22 10.58 19.09
N ILE D 96 -20.35 10.81 19.71
CA ILE D 96 -21.16 11.98 19.50
C ILE D 96 -20.49 13.15 20.24
N TYR D 97 -20.12 12.95 21.51
CA TYR D 97 -19.30 13.93 22.25
C TYR D 97 -17.95 13.38 22.67
N PRO D 98 -16.97 13.39 21.74
CA PRO D 98 -15.57 13.12 22.07
C PRO D 98 -15.08 14.10 23.12
N PRO D 99 -14.32 13.61 24.09
CA PRO D 99 -13.67 14.44 25.07
C PRO D 99 -12.73 15.45 24.41
N GLU D 100 -12.57 16.63 25.00
CA GLU D 100 -11.63 17.62 24.43
C GLU D 100 -10.19 17.14 24.61
N VAL D 101 -9.25 17.72 23.90
CA VAL D 101 -7.88 17.23 23.97
C VAL D 101 -7.31 17.40 25.36
N ALA D 102 -7.68 18.51 26.00
CA ALA D 102 -7.10 18.87 27.28
C ALA D 102 -7.60 17.90 28.33
N GLU D 103 -8.75 17.28 28.08
CA GLU D 103 -9.25 16.25 28.98
C GLU D 103 -8.44 14.97 28.88
N PHE D 104 -7.74 14.83 27.77
CA PHE D 104 -6.90 13.69 27.56
C PHE D 104 -5.63 13.94 28.26
N VAL D 105 -5.10 15.15 28.09
CA VAL D 105 -3.90 15.56 28.82
C VAL D 105 -4.15 15.42 30.32
N TYR D 106 -5.33 15.86 30.78
CA TYR D 106 -5.68 15.62 32.19
C TYR D 106 -5.61 14.16 32.64
N ILE D 107 -6.04 13.20 31.84
CA ILE D 107 -6.05 11.79 32.34
C ILE D 107 -4.72 11.06 32.23
N THR D 108 -3.72 11.69 31.61
CA THR D 108 -2.35 11.20 31.65
C THR D 108 -1.61 11.80 32.80
N ASP D 109 -2.30 12.65 33.55
CA ASP D 109 -1.75 13.43 34.66
C ASP D 109 -0.60 14.32 34.24
N ASP D 110 -0.75 14.96 33.09
CA ASP D 110 0.35 15.76 32.48
C ASP D 110 1.66 15.02 32.22
N THR D 111 1.59 13.70 31.99
CA THR D 111 2.73 13.00 31.44
C THR D 111 3.12 13.65 30.13
N TYR D 112 2.15 14.10 29.32
CA TYR D 112 2.44 14.73 28.03
C TYR D 112 1.81 16.11 27.85
N THR D 113 2.27 16.89 26.88
CA THR D 113 1.65 18.19 26.66
C THR D 113 0.56 18.10 25.60
N LYS D 114 -0.30 19.10 25.54
CA LYS D 114 -1.30 19.24 24.50
C LYS D 114 -0.64 19.00 23.12
N LYS D 115 0.47 19.70 22.88
CA LYS D 115 1.20 19.64 21.62
C LYS D 115 1.72 18.24 21.28
N GLN D 116 2.27 17.51 22.26
CA GLN D 116 2.67 16.11 22.09
C GLN D 116 1.52 15.21 21.60
N VAL D 117 0.33 15.42 22.14
CA VAL D 117 -0.80 14.59 21.80
C VAL D 117 -1.32 14.88 20.39
N LEU D 118 -1.40 16.15 20.04
CA LEU D 118 -1.83 16.53 18.71
C LEU D 118 -0.83 15.97 17.70
N ARG D 119 0.45 16.24 17.98
CA ARG D 119 1.53 15.72 17.16
C ARG D 119 1.52 14.22 17.04
N MET D 120 1.24 13.49 18.12
CA MET D 120 1.04 12.04 17.95
C MET D 120 -0.22 11.69 17.12
N GLU D 121 -1.26 12.52 17.19
CA GLU D 121 -2.48 12.28 16.44
C GLU D 121 -2.10 12.32 14.95
N HIS D 122 -1.38 13.38 14.54
CA HIS D 122 -0.83 13.49 13.19
C HIS D 122 -0.14 12.17 12.82
N LEU D 123 0.80 11.73 13.66
CA LEU D 123 1.59 10.58 13.34
C LEU D 123 0.76 9.35 13.14
N VAL D 124 -0.15 9.08 14.07
CA VAL D 124 -1.00 7.90 14.00
C VAL D 124 -1.80 7.95 12.70
N LEU D 125 -2.24 9.14 12.33
CA LEU D 125 -3.00 9.32 11.11
C LEU D 125 -2.14 9.01 9.89
N LYS D 126 -0.93 9.54 9.86
CA LYS D 126 0.01 9.16 8.78
C LYS D 126 0.27 7.66 8.73
N VAL D 127 0.59 7.03 9.85
CA VAL D 127 1.05 5.64 9.84
C VAL D 127 -0.11 4.74 9.46
N LEU D 128 -1.29 5.02 10.00
CA LEU D 128 -2.50 4.25 9.68
C LEU D 128 -3.09 4.69 8.34
N THR D 129 -2.43 5.65 7.68
CA THR D 129 -2.95 6.30 6.46
C THR D 129 -4.46 6.60 6.51
N PHE D 130 -4.97 6.97 7.68
CA PHE D 130 -6.35 7.40 7.80
C PHE D 130 -7.35 6.27 7.70
N ASP D 131 -6.90 5.03 7.75
CA ASP D 131 -7.85 3.93 7.73
C ASP D 131 -8.32 3.71 9.14
N LEU D 132 -9.45 4.31 9.47
CA LEU D 132 -9.89 4.28 10.83
C LEU D 132 -11.10 3.38 11.06
N ALA D 133 -11.76 2.98 9.97
CA ALA D 133 -13.03 2.30 10.05
C ALA D 133 -12.84 0.80 10.25
N ALA D 134 -12.24 0.38 11.36
CA ALA D 134 -11.93 -1.05 11.55
C ALA D 134 -13.16 -1.91 11.90
N PRO D 135 -13.20 -3.17 11.42
CA PRO D 135 -14.11 -4.10 12.07
C PRO D 135 -13.55 -4.52 13.45
N THR D 136 -14.46 -4.73 14.41
CA THR D 136 -14.08 -5.11 15.76
C THR D 136 -14.93 -6.28 16.18
N VAL D 137 -14.51 -6.96 17.24
CA VAL D 137 -15.32 -7.98 17.87
C VAL D 137 -16.74 -7.48 18.05
N ASN D 138 -16.86 -6.34 18.73
CA ASN D 138 -18.14 -5.62 18.93
C ASN D 138 -19.09 -5.70 17.69
N GLN D 139 -18.59 -5.30 16.54
CA GLN D 139 -19.45 -5.22 15.38
C GLN D 139 -19.96 -6.61 14.99
N PHE D 140 -19.16 -7.66 15.25
CA PHE D 140 -19.66 -8.99 14.98
C PHE D 140 -20.61 -9.47 16.04
N LEU D 141 -20.29 -9.22 17.30
CA LEU D 141 -21.13 -9.62 18.39
C LEU D 141 -22.56 -9.12 18.18
N THR D 142 -22.70 -7.79 18.01
CA THR D 142 -24.01 -7.18 17.77
C THR D 142 -24.79 -7.85 16.60
N GLN D 143 -24.10 -8.21 15.52
CA GLN D 143 -24.72 -9.04 14.48
C GLN D 143 -25.15 -10.44 14.90
N TYR D 144 -24.33 -11.11 15.71
CA TYR D 144 -24.59 -12.47 16.12
C TYR D 144 -25.74 -12.50 17.13
N PHE D 145 -25.91 -11.42 17.91
CA PHE D 145 -26.99 -11.32 18.93
C PHE D 145 -28.38 -11.45 18.25
N LEU D 146 -28.51 -10.89 17.05
CA LEU D 146 -29.79 -10.92 16.36
C LEU D 146 -30.26 -12.34 16.04
N HIS D 147 -29.43 -13.34 16.31
CA HIS D 147 -29.81 -14.73 16.10
C HIS D 147 -30.21 -15.38 17.38
N GLN D 148 -30.39 -14.57 18.41
CA GLN D 148 -30.72 -15.15 19.68
C GLN D 148 -32.20 -14.96 19.99
N GLN D 149 -32.84 -16.11 20.25
CA GLN D 149 -34.26 -16.27 20.62
C GLN D 149 -34.43 -16.75 22.10
N PRO D 150 -35.24 -16.02 22.92
CA PRO D 150 -36.06 -14.81 22.54
C PRO D 150 -35.30 -13.45 22.57
N ALA D 151 -34.22 -13.34 23.38
CA ALA D 151 -33.28 -12.18 23.40
C ALA D 151 -32.15 -12.31 24.44
N ASN D 152 -32.51 -12.32 25.75
CA ASN D 152 -31.54 -12.56 26.88
C ASN D 152 -30.30 -11.66 27.00
N CYS D 153 -30.41 -10.53 27.69
CA CYS D 153 -29.26 -9.61 27.75
C CYS D 153 -28.20 -9.90 28.83
N LYS D 154 -28.40 -10.96 29.60
CA LYS D 154 -27.30 -11.52 30.39
C LYS D 154 -26.32 -12.25 29.47
N VAL D 155 -26.85 -12.98 28.48
CA VAL D 155 -25.97 -13.57 27.48
C VAL D 155 -25.21 -12.47 26.79
N GLU D 156 -25.89 -11.39 26.44
CA GLU D 156 -25.24 -10.35 25.65
C GLU D 156 -24.16 -9.64 26.42
N SER D 157 -24.42 -9.28 27.68
CA SER D 157 -23.40 -8.63 28.48
C SER D 157 -22.18 -9.52 28.75
N LEU D 158 -22.45 -10.79 28.99
CA LEU D 158 -21.36 -11.73 29.23
C LEU D 158 -20.57 -11.91 27.94
N ALA D 159 -21.22 -11.89 26.79
CA ALA D 159 -20.45 -12.01 25.56
C ALA D 159 -19.58 -10.76 25.33
N MET D 160 -20.11 -9.57 25.61
CA MET D 160 -19.30 -8.36 25.62
C MET D 160 -18.15 -8.35 26.60
N PHE D 161 -18.42 -8.84 27.80
CA PHE D 161 -17.39 -9.02 28.79
C PHE D 161 -16.24 -9.88 28.26
N LEU D 162 -16.54 -11.08 27.76
CA LEU D 162 -15.53 -11.99 27.17
C LEU D 162 -14.75 -11.38 26.01
N GLY D 163 -15.46 -10.74 25.10
CA GLY D 163 -14.80 -10.05 24.02
C GLY D 163 -13.89 -8.93 24.46
N GLU D 164 -14.26 -8.22 25.50
CA GLU D 164 -13.38 -7.19 26.05
C GLU D 164 -12.11 -7.78 26.72
N LEU D 165 -12.27 -8.90 27.44
CA LEU D 165 -11.10 -9.58 28.00
C LEU D 165 -10.09 -9.92 26.93
N SER D 166 -10.52 -10.25 25.72
CA SER D 166 -9.50 -10.58 24.73
C SER D 166 -8.59 -9.41 24.33
N LEU D 167 -9.02 -8.15 24.51
CA LEU D 167 -8.19 -6.98 24.21
C LEU D 167 -6.89 -6.89 25.02
N ILE D 168 -6.93 -7.39 26.25
CA ILE D 168 -5.83 -7.33 27.21
C ILE D 168 -4.60 -8.19 26.83
N ASP D 169 -4.88 -9.35 26.23
CA ASP D 169 -3.96 -10.47 26.13
C ASP D 169 -3.55 -10.69 24.68
N ALA D 170 -2.77 -9.77 24.12
CA ALA D 170 -2.20 -9.93 22.78
C ALA D 170 -1.82 -11.37 22.42
N ASP D 171 -1.20 -12.05 23.38
CA ASP D 171 -1.00 -13.48 23.30
C ASP D 171 -2.05 -14.05 24.23
N PRO D 172 -2.90 -14.95 23.71
CA PRO D 172 -2.88 -15.47 22.33
C PRO D 172 -3.56 -14.57 21.28
N TYR D 173 -4.53 -13.77 21.70
CA TYR D 173 -5.67 -13.35 20.87
C TYR D 173 -5.45 -12.68 19.50
N LEU D 174 -4.31 -12.03 19.31
CA LEU D 174 -3.90 -11.58 18.00
C LEU D 174 -3.88 -12.67 16.90
N LYS D 175 -3.67 -13.94 17.27
CA LYS D 175 -3.80 -15.05 16.32
C LYS D 175 -5.25 -15.18 15.73
N TYR D 176 -6.23 -14.51 16.33
CA TYR D 176 -7.63 -14.59 15.82
C TYR D 176 -8.21 -13.34 15.15
N LEU D 177 -9.09 -13.60 14.19
CA LEU D 177 -9.92 -12.61 13.60
C LEU D 177 -11.06 -12.28 14.54
N PRO D 178 -11.40 -10.98 14.65
CA PRO D 178 -12.59 -10.49 15.34
C PRO D 178 -13.80 -11.41 15.20
N SER D 179 -14.14 -11.83 13.99
CA SER D 179 -15.29 -12.74 13.78
C SER D 179 -15.20 -14.06 14.58
N VAL D 180 -13.98 -14.56 14.72
CA VAL D 180 -13.70 -15.79 15.46
C VAL D 180 -13.82 -15.53 16.95
N ILE D 181 -13.13 -14.52 17.47
CA ILE D 181 -13.24 -14.17 18.89
C ILE D 181 -14.69 -13.89 19.27
N ALA D 182 -15.41 -13.17 18.39
CA ALA D 182 -16.83 -12.87 18.64
C ALA D 182 -17.66 -14.16 18.67
N GLY D 183 -17.43 -15.07 17.73
CA GLY D 183 -18.08 -16.40 17.74
C GLY D 183 -17.87 -17.23 19.01
N ALA D 184 -16.59 -17.48 19.30
CA ALA D 184 -16.14 -18.12 20.53
C ALA D 184 -16.72 -17.48 21.73
N ALA D 185 -16.80 -16.16 21.75
CA ALA D 185 -17.26 -15.48 22.94
C ALA D 185 -18.75 -15.64 23.01
N PHE D 186 -19.43 -15.45 21.90
CA PHE D 186 -20.88 -15.59 21.93
C PHE D 186 -21.26 -17.00 22.39
N HIS D 187 -20.57 -17.99 21.83
CA HIS D 187 -20.83 -19.35 22.20
C HIS D 187 -20.66 -19.53 23.68
N LEU D 188 -19.56 -18.99 24.18
CA LEU D 188 -19.26 -19.15 25.58
C LEU D 188 -20.28 -18.42 26.43
N ALA D 189 -20.76 -17.26 25.99
CA ALA D 189 -21.72 -16.56 26.80
C ALA D 189 -23.05 -17.34 26.83
N LEU D 190 -23.44 -17.89 25.68
CA LEU D 190 -24.67 -18.69 25.59
C LEU D 190 -24.57 -19.89 26.50
N TYR D 191 -23.51 -20.66 26.32
CA TYR D 191 -23.28 -21.84 27.13
C TYR D 191 -23.27 -21.58 28.66
N THR D 192 -22.55 -20.55 29.12
CA THR D 192 -22.49 -20.23 30.56
C THR D 192 -23.87 -19.97 31.10
N VAL D 193 -24.68 -19.24 30.35
CA VAL D 193 -25.93 -18.71 30.90
C VAL D 193 -27.16 -19.60 30.70
N THR D 194 -27.37 -20.14 29.51
CA THR D 194 -28.54 -20.96 29.23
C THR D 194 -28.22 -22.42 28.86
N GLY D 195 -26.94 -22.79 28.83
CA GLY D 195 -26.57 -24.13 28.43
C GLY D 195 -26.61 -24.44 26.94
N GLN D 196 -27.14 -23.52 26.12
CA GLN D 196 -27.30 -23.77 24.68
C GLN D 196 -26.01 -23.63 23.93
N SER D 197 -26.07 -23.71 22.62
CA SER D 197 -24.87 -23.59 21.79
C SER D 197 -24.99 -22.59 20.63
N TRP D 198 -23.86 -22.43 19.95
CA TRP D 198 -23.71 -21.65 18.74
C TRP D 198 -24.74 -22.21 17.78
N PRO D 199 -25.77 -21.43 17.48
CA PRO D 199 -26.95 -21.92 16.75
C PRO D 199 -26.64 -22.10 15.28
N GLU D 200 -27.24 -23.12 14.65
CA GLU D 200 -26.97 -23.47 13.25
C GLU D 200 -27.17 -22.34 12.23
N SER D 201 -28.00 -21.36 12.59
CA SER D 201 -28.15 -20.15 11.77
C SER D 201 -26.85 -19.38 11.67
N LEU D 202 -26.10 -19.34 12.80
CA LEU D 202 -24.82 -18.66 12.81
C LEU D 202 -23.78 -19.49 12.09
N ILE D 203 -23.91 -20.81 12.17
CA ILE D 203 -23.08 -21.65 11.29
C ILE D 203 -23.28 -21.23 9.84
N ARG D 204 -24.54 -21.07 9.42
CA ARG D 204 -24.82 -20.54 8.06
C ARG D 204 -24.28 -19.17 7.74
N LYS D 205 -24.68 -18.16 8.49
CA LYS D 205 -24.18 -16.80 8.25
C LYS D 205 -22.65 -16.71 8.15
N THR D 206 -21.96 -17.36 9.08
CA THR D 206 -20.50 -17.19 9.25
C THR D 206 -19.65 -18.26 8.57
N GLY D 207 -20.26 -19.43 8.36
CA GLY D 207 -19.49 -20.60 7.94
C GLY D 207 -18.65 -21.26 9.03
N TYR D 208 -18.72 -20.76 10.26
CA TYR D 208 -17.91 -21.28 11.36
C TYR D 208 -18.71 -22.32 12.09
N THR D 209 -18.18 -23.52 12.23
CA THR D 209 -18.77 -24.50 13.16
C THR D 209 -18.08 -24.44 14.53
N LEU D 210 -18.61 -25.17 15.50
CA LEU D 210 -17.95 -25.28 16.79
C LEU D 210 -16.58 -25.88 16.67
N GLU D 211 -16.45 -26.79 15.71
CA GLU D 211 -15.17 -27.39 15.37
C GLU D 211 -14.10 -26.35 15.04
N SER D 212 -14.46 -25.33 14.25
CA SER D 212 -13.50 -24.33 13.75
C SER D 212 -13.24 -23.21 14.77
N LEU D 213 -14.20 -23.02 15.66
CA LEU D 213 -14.10 -22.07 16.74
C LEU D 213 -13.28 -22.63 17.89
N LYS D 214 -13.22 -23.97 17.97
CA LYS D 214 -12.58 -24.68 19.09
C LYS D 214 -11.28 -24.06 19.64
N PRO D 215 -10.27 -23.81 18.78
CA PRO D 215 -9.03 -23.24 19.30
C PRO D 215 -9.20 -21.93 20.09
N CYS D 216 -9.94 -20.98 19.56
CA CYS D 216 -10.23 -19.75 20.29
C CYS D 216 -11.07 -19.99 21.57
N LEU D 217 -11.98 -20.95 21.50
CA LEU D 217 -12.87 -21.27 22.62
C LEU D 217 -12.08 -21.84 23.80
N MET D 218 -11.02 -22.60 23.50
CA MET D 218 -10.08 -23.10 24.50
C MET D 218 -9.44 -21.95 25.24
N ASP D 219 -8.83 -21.06 24.46
CA ASP D 219 -8.10 -19.95 24.98
C ASP D 219 -8.99 -19.10 25.82
N LEU D 220 -10.14 -18.77 25.26
CA LEU D 220 -11.09 -17.88 25.89
C LEU D 220 -11.67 -18.45 27.20
N HIS D 221 -11.94 -19.75 27.20
CA HIS D 221 -12.35 -20.47 28.39
C HIS D 221 -11.32 -20.37 29.51
N GLN D 222 -10.07 -20.72 29.21
CA GLN D 222 -8.93 -20.44 30.08
C GLN D 222 -9.00 -19.00 30.62
N THR D 223 -8.88 -17.99 29.74
CA THR D 223 -8.80 -16.56 30.10
C THR D 223 -9.90 -16.18 31.08
N TYR D 224 -11.07 -16.78 30.87
CA TYR D 224 -12.27 -16.55 31.67
C TYR D 224 -12.11 -17.20 33.05
N LEU D 225 -11.54 -18.41 33.10
CA LEU D 225 -11.33 -19.13 34.38
C LEU D 225 -10.29 -18.44 35.21
N LYS D 226 -9.17 -18.08 34.60
CA LYS D 226 -8.13 -17.31 35.22
C LYS D 226 -8.43 -15.78 35.42
N ALA D 227 -9.64 -15.31 35.11
CA ALA D 227 -9.94 -13.86 35.16
C ALA D 227 -9.66 -13.23 36.52
N PRO D 228 -10.18 -13.87 37.61
CA PRO D 228 -10.06 -13.27 38.94
C PRO D 228 -8.62 -13.19 39.36
N GLN D 229 -7.79 -14.06 38.78
CA GLN D 229 -6.36 -14.04 39.08
C GLN D 229 -5.54 -13.04 38.28
N HIS D 230 -6.15 -12.31 37.36
CA HIS D 230 -5.40 -11.50 36.41
C HIS D 230 -4.81 -10.22 37.00
N ALA D 231 -3.64 -9.84 36.51
CA ALA D 231 -2.98 -8.61 36.95
C ALA D 231 -3.80 -7.35 36.60
N GLN D 232 -4.63 -7.43 35.57
CA GLN D 232 -5.50 -6.32 35.21
C GLN D 232 -6.98 -6.63 35.60
N GLN D 233 -7.64 -5.77 36.38
CA GLN D 233 -8.98 -6.13 36.82
C GLN D 233 -10.06 -5.13 36.45
N SER D 234 -9.74 -4.18 35.58
CA SER D 234 -10.67 -3.13 35.19
C SER D 234 -11.91 -3.59 34.46
N ILE D 235 -11.77 -4.56 33.57
CA ILE D 235 -12.90 -5.10 32.82
C ILE D 235 -13.85 -5.79 33.79
N ARG D 236 -13.28 -6.62 34.68
CA ARG D 236 -14.08 -7.27 35.72
C ARG D 236 -14.78 -6.29 36.62
N GLU D 237 -14.07 -5.22 37.01
CA GLU D 237 -14.65 -4.13 37.80
C GLU D 237 -15.86 -3.58 37.09
N LYS D 238 -15.70 -3.35 35.79
CA LYS D 238 -16.63 -2.59 34.97
C LYS D 238 -17.94 -3.33 34.90
N TYR D 239 -17.80 -4.65 34.78
CA TYR D 239 -18.87 -5.62 34.47
C TYR D 239 -19.43 -6.29 35.73
N LYS D 240 -18.96 -5.85 36.90
CA LYS D 240 -19.66 -6.18 38.14
C LYS D 240 -20.91 -5.31 38.20
N ASN D 241 -20.81 -4.13 37.60
CA ASN D 241 -21.84 -3.12 37.71
C ASN D 241 -23.17 -3.54 37.08
N SER D 242 -24.26 -3.04 37.63
CA SER D 242 -25.62 -3.46 37.27
C SER D 242 -26.04 -3.05 35.85
N LYS D 243 -25.28 -2.17 35.23
CA LYS D 243 -25.46 -1.94 33.81
C LYS D 243 -25.25 -3.26 33.02
N TYR D 244 -24.16 -3.97 33.23
CA TYR D 244 -23.93 -5.22 32.49
C TYR D 244 -24.40 -6.45 33.26
N HIS D 245 -25.43 -6.26 34.08
CA HIS D 245 -26.11 -7.34 34.80
C HIS D 245 -25.22 -8.13 35.75
N GLY D 246 -24.01 -7.64 36.03
CA GLY D 246 -23.11 -8.31 36.97
C GLY D 246 -22.50 -9.61 36.47
N VAL D 247 -22.28 -9.72 35.16
CA VAL D 247 -21.76 -10.94 34.53
C VAL D 247 -20.34 -11.33 34.93
N SER D 248 -19.50 -10.38 35.33
CA SER D 248 -18.13 -10.76 35.76
C SER D 248 -18.19 -11.67 36.98
N LEU D 249 -19.35 -11.64 37.66
CA LEU D 249 -19.64 -12.42 38.87
C LEU D 249 -20.32 -13.79 38.68
N LEU D 250 -20.72 -14.15 37.46
CA LEU D 250 -21.28 -15.47 37.22
C LEU D 250 -20.15 -16.46 37.31
N ASN D 251 -20.44 -17.65 37.82
CA ASN D 251 -19.48 -18.73 37.80
C ASN D 251 -19.27 -19.18 36.40
N PRO D 252 -18.04 -19.08 35.89
CA PRO D 252 -17.69 -19.83 34.66
C PRO D 252 -18.14 -21.30 34.74
N PRO D 253 -18.45 -21.91 33.59
CA PRO D 253 -18.59 -23.35 33.68
C PRO D 253 -17.21 -23.92 33.72
N GLU D 254 -17.07 -25.13 34.23
CA GLU D 254 -15.76 -25.70 34.44
C GLU D 254 -15.36 -26.58 33.25
N THR D 255 -16.34 -27.00 32.47
CA THR D 255 -16.09 -27.89 31.33
C THR D 255 -16.98 -27.52 30.14
N LEU D 256 -16.45 -27.69 28.93
CA LEU D 256 -17.13 -27.32 27.68
C LEU D 256 -17.65 -28.51 26.87
N ASN D 257 -17.33 -29.72 27.32
CA ASN D 257 -17.66 -30.98 26.61
C ASN D 257 -17.36 -30.89 25.13
N LEU D 258 -16.10 -30.55 24.84
CA LEU D 258 -15.53 -30.57 23.49
C LEU D 258 -14.07 -30.07 23.50
O4 C75 E . 31.11 2.68 13.57
S2 C75 E . 30.43 3.92 13.83
O3 C75 E . 30.39 4.17 15.25
N6 C75 E . 31.22 5.12 13.11
C61 C75 E . 31.96 4.96 11.90
C16 C75 E . 28.79 3.82 13.20
C15 C75 E . 27.65 3.70 14.00
C14 C75 E . 26.40 3.61 13.41
C13 C75 E . 26.30 3.61 12.01
C18 C75 E . 27.45 3.71 11.24
C17 C75 E . 28.70 3.82 11.82
C4 C75 E . 25.04 3.46 11.22
O2 C75 E . 25.06 3.44 9.85
C3 C75 E . 23.74 3.28 11.64
C2 C75 E . 22.96 3.13 10.49
C1 C75 E . 23.79 3.22 9.38
C6 C75 E . 23.41 3.13 7.95
C7 C75 E . 24.30 3.23 6.95
S1 C75 E . 25.94 3.47 7.10
C9 C75 E . 26.27 3.50 5.47
N3 C75 E . 27.40 3.65 4.93
N2 C75 E . 25.12 3.30 4.82
C8 C75 E . 24.04 3.16 5.58
O1 C75 E . 22.95 2.96 5.06
O4 C75 F . -22.08 24.76 -7.91
S2 C75 F . -20.74 25.25 -8.09
O3 C75 F . -20.55 25.65 -9.45
N6 C75 F . -20.49 26.51 -7.13
C61 C75 F . -21.14 26.54 -5.85
C16 C75 F . -19.60 23.97 -7.70
C15 C75 F . -18.68 23.49 -8.62
C14 C75 F . -17.80 22.46 -8.29
C13 C75 F . -17.86 21.92 -7.02
C18 C75 F . -18.78 22.41 -6.10
C17 C75 F . -19.66 23.43 -6.43
C4 C75 F . -17.00 20.81 -6.51
O2 C75 F . -17.13 20.31 -5.25
C3 C75 F . -16.00 20.07 -7.16
C2 C75 F . -15.53 19.14 -6.25
C1 C75 F . -16.24 19.30 -5.06
C6 C75 F . -16.11 18.54 -3.80
C7 C75 F . -16.88 18.81 -2.73
S1 C75 F . -18.07 19.96 -2.55
C9 C75 F . -18.44 19.58 -0.96
N3 C75 F . -19.32 20.14 -0.24
N2 C75 F . -17.65 18.58 -0.59
C8 C75 F . -16.80 18.14 -1.52
O1 C75 F . -15.99 17.23 -1.34
#